data_7X23
#
_entry.id   7X23
#
_cell.length_a   1.00
_cell.length_b   1.00
_cell.length_c   1.00
_cell.angle_alpha   90.00
_cell.angle_beta   90.00
_cell.angle_gamma   90.00
#
_symmetry.space_group_name_H-M   'P 1'
#
loop_
_entity.id
_entity.type
_entity.pdbx_description
1 polymer 'Potassium-transporting ATPase alpha chain 2'
2 polymer 'Sodium/potassium-transporting ATPase subunit beta-1'
3 non-polymer 'PHOSPHOMETHYLPHOSPHONIC ACID ADENYLATE ESTER'
4 non-polymer 'SODIUM ION'
5 non-polymer 2-acetamido-2-deoxy-beta-D-glucopyranose
6 water water
#
loop_
_entity_poly.entity_id
_entity_poly.type
_entity_poly.pdbx_seq_one_letter_code
_entity_poly.pdbx_strand_id
1 'polypeptide(L)'
;GMDLDDHRLSNTELEQKYGTNIIQGLSSVRATELLARDGPNTLTPPKQTPEIIKFLKQMVGGFSILLWIGAALCWIAFVI
QYVNNSASLDNVYLGAILVLVVILTGIFAYYQEAKSTNIMASFSKMIPQQALVIRDAEKKVISAEQLVVGDVVEIKGGDQ
IPADIRLVFSQGCKVDNSSLTGESEPQARSTEFTHENPLETKNIGFYSTTCLEGTATGIVINTGDRTIIGRIASLASGVG
SEKTPIAIEIEHFVHIVAGVAVSIDIIFFITAVCMKYYVLDAIIFLISIIVANVPEGLLATVTVTLSLTAKRMAKKNCLV
KNLEAVETLGSTSIICSDKTGTLTQNRMTVAHLWFDNQIFVADTSENQTKQAFDQSSGTWASLSKIITLCNRAEFRPGQE
SVPIMKRTVVGDASETALLKFSEVILGDVMGIRKRNHKVAEIPFNSTNKFQLSIHETEDPNNKRFLVVMKGAPERILEKC
STIMINGQEQPLDKSSADSFHTAYMELGGLGERVLGFCHLYLPAEQFPQSYIFDVDSVNFPTSNFCFVGLLSMIDPPRST
VPDAVSKCRSAGIKVIMVTGDHPITAKAIAKSVGIISANNETVEDIAKRRNIAVEQVNKREAKAAVVTGMELKDMTPEQL
DELLTNYQEIVFARTSPQQKLIIVEGCQRQDAIVAVTGDGVNDSPALKKADIGIAMGIAGSDAAKNAADMVLLDDNFASI
VTGVEEGRLIFDNLKKTIAYTLTSNIPELCPFLIYIVAGLPLPIGTITILFIDLGTDIIPSIALAYEKAESDIMNRKPRH
KKKDRLVNTQLAIYSYLHIGLMQALGGFLVYFTVYAQQGFWPTSLINLRVAWETDDINDLEDSYGQEWTRYQRKYLEWTG
STAFFVAIMIQQWADLIICKTRRNSIFQQGLFRNKVIWVGIASQVIVALILSYGLGSVPALSFTMLRVQYWFVAVPHAIL
IWVYDEMRKLFIRLYPGSWWDKNMYY
;
A
2 'polypeptide(L)'
;MGDYKDDDDKSSGENLYFQGMARGKAKEEGSWKKFIWNSEKKEFLGRTGGSWFKILLFYVIFYGCLAGIFIGTIQVMLLT
ISELKPTYQDRVAPPGLTQIPQIQKTEISFRPNDPKSYEAYVLNIIRFLEKYKDSAQKDDMIFEDCGSMPSEPKERGEFN
HERGERKVCRFKLDWLGNCSGLNDESYGYKEGKPCIIIKLNRVLGFKPKPPKNESLETYPLTMKYNPNVLPVQCTGKRDE
DKDKVGNIEYFGMGGFYGFPLQYYPYYGKLLQPKYLQPLLAVQFTNLTLDTEIRIECKAYGENIGYSEKDRFQGRFDVKI
EVKS
;
B
#
# COMPACT_ATOMS: atom_id res chain seq x y z
N MET A 2 41.49 25.84 -3.19
CA MET A 2 42.22 25.47 -4.41
C MET A 2 41.44 25.92 -5.65
N ASP A 3 41.95 26.98 -6.30
CA ASP A 3 41.32 27.54 -7.50
C ASP A 3 42.43 27.83 -8.50
N LEU A 4 42.71 26.88 -9.38
CA LEU A 4 43.72 27.01 -10.41
C LEU A 4 43.12 26.55 -11.74
N ASP A 5 42.77 27.50 -12.60
CA ASP A 5 42.16 27.20 -13.88
C ASP A 5 42.75 28.10 -14.96
N ASP A 6 42.50 27.73 -16.21
CA ASP A 6 42.98 28.48 -17.36
C ASP A 6 41.92 29.41 -17.94
N HIS A 7 41.06 29.97 -17.07
CA HIS A 7 40.00 30.84 -17.54
C HIS A 7 40.56 32.09 -18.21
N ARG A 8 41.51 32.76 -17.54
CA ARG A 8 42.11 33.96 -18.13
C ARG A 8 43.08 33.62 -19.24
N LEU A 9 43.70 32.44 -19.19
CA LEU A 9 44.67 32.05 -20.20
C LEU A 9 44.00 31.95 -21.56
N SER A 10 44.69 32.46 -22.59
CA SER A 10 44.11 32.53 -23.93
C SER A 10 44.03 31.15 -24.56
N ASN A 11 43.50 31.11 -25.79
CA ASN A 11 43.36 29.86 -26.51
C ASN A 11 44.70 29.33 -27.03
N THR A 12 45.71 30.19 -27.12
CA THR A 12 47.01 29.77 -27.66
C THR A 12 47.65 28.70 -26.78
N GLU A 13 47.60 28.88 -25.46
CA GLU A 13 48.24 27.94 -24.54
C GLU A 13 47.48 26.62 -24.44
N LEU A 14 46.24 26.55 -24.91
CA LEU A 14 45.48 25.31 -24.83
C LEU A 14 46.14 24.21 -25.64
N GLU A 15 46.62 24.54 -26.84
CA GLU A 15 47.31 23.54 -27.66
C GLU A 15 48.61 23.08 -27.00
N GLN A 16 49.38 24.01 -26.44
CA GLN A 16 50.67 23.65 -25.87
C GLN A 16 50.53 22.93 -24.55
N LYS A 17 49.62 23.39 -23.68
CA LYS A 17 49.53 22.83 -22.33
C LYS A 17 49.01 21.40 -22.36
N TYR A 18 47.91 21.16 -23.09
CA TYR A 18 47.29 19.85 -23.14
C TYR A 18 47.80 18.97 -24.27
N GLY A 19 48.52 19.54 -25.23
CA GLY A 19 49.03 18.75 -26.35
C GLY A 19 47.97 18.15 -27.23
N THR A 20 46.85 18.85 -27.40
CA THR A 20 45.74 18.37 -28.23
C THR A 20 45.41 19.43 -29.28
N ASN A 21 45.05 18.97 -30.47
CA ASN A 21 44.67 19.87 -31.55
C ASN A 21 43.28 20.46 -31.30
N ILE A 22 43.06 21.66 -31.85
CA ILE A 22 41.78 22.33 -31.67
C ILE A 22 40.67 21.59 -32.41
N ILE A 23 40.97 21.05 -33.59
CA ILE A 23 39.96 20.41 -34.43
C ILE A 23 40.15 18.91 -34.43
N GLN A 24 41.32 18.45 -34.89
CA GLN A 24 41.57 17.01 -35.00
C GLN A 24 41.59 16.34 -33.63
N GLY A 25 42.20 16.98 -32.64
CA GLY A 25 42.25 16.42 -31.31
C GLY A 25 43.35 15.38 -31.16
N LEU A 26 43.33 14.73 -29.99
CA LEU A 26 44.32 13.72 -29.68
C LEU A 26 44.08 12.44 -30.49
N SER A 27 45.14 11.65 -30.63
CA SER A 27 45.08 10.42 -31.40
C SER A 27 44.58 9.26 -30.55
N SER A 28 44.24 8.17 -31.23
CA SER A 28 43.72 6.99 -30.53
C SER A 28 44.77 6.39 -29.61
N VAL A 29 46.04 6.40 -30.03
CA VAL A 29 47.11 5.87 -29.19
C VAL A 29 47.24 6.69 -27.90
N ARG A 30 47.13 8.02 -28.02
CA ARG A 30 47.21 8.88 -26.84
C ARG A 30 46.06 8.59 -25.88
N ALA A 31 44.86 8.34 -26.41
CA ALA A 31 43.71 8.03 -25.57
C ALA A 31 43.94 6.75 -24.79
N THR A 32 44.57 5.74 -25.41
CA THR A 32 44.81 4.47 -24.73
C THR A 32 45.71 4.65 -23.51
N GLU A 33 46.77 5.43 -23.66
CA GLU A 33 47.69 5.64 -22.53
C GLU A 33 47.04 6.51 -21.46
N LEU A 34 46.23 7.49 -21.86
CA LEU A 34 45.57 8.36 -20.90
C LEU A 34 44.51 7.62 -20.09
N LEU A 35 43.84 6.64 -20.70
CA LEU A 35 42.80 5.90 -20.00
C LEU A 35 43.38 5.12 -18.81
N ALA A 36 44.56 4.53 -18.99
CA ALA A 36 45.19 3.76 -17.93
C ALA A 36 45.86 4.62 -16.87
N ARG A 37 45.95 5.94 -17.09
CA ARG A 37 46.64 6.84 -16.17
C ARG A 37 45.69 7.75 -15.40
N ASP A 38 44.61 8.21 -16.03
CA ASP A 38 43.73 9.17 -15.38
C ASP A 38 42.59 8.50 -14.63
N GLY A 39 41.79 7.67 -15.32
CA GLY A 39 40.68 7.01 -14.69
C GLY A 39 39.34 7.46 -15.24
N PRO A 40 38.26 6.86 -14.77
CA PRO A 40 36.93 7.18 -15.29
C PRO A 40 36.39 8.50 -14.74
N ASN A 41 35.42 9.04 -15.46
CA ASN A 41 34.76 10.29 -15.09
C ASN A 41 33.49 9.95 -14.31
N THR A 42 33.67 9.66 -13.02
CA THR A 42 32.57 9.31 -12.13
C THR A 42 32.74 10.06 -10.82
N LEU A 43 31.68 10.73 -10.38
CA LEU A 43 31.71 11.40 -9.09
C LEU A 43 31.74 10.39 -7.96
N THR A 44 32.31 10.79 -6.83
CA THR A 44 32.40 9.91 -5.68
C THR A 44 31.02 9.75 -5.05
N PRO A 45 30.50 8.53 -4.92
CA PRO A 45 29.19 8.33 -4.31
C PRO A 45 29.23 8.67 -2.83
N PRO A 46 28.49 9.69 -2.40
CA PRO A 46 28.52 10.07 -0.97
C PRO A 46 27.98 8.96 -0.10
N LYS A 47 28.55 8.84 1.10
CA LYS A 47 28.09 7.86 2.08
C LYS A 47 26.82 8.41 2.72
N GLN A 48 25.68 7.82 2.36
CA GLN A 48 24.41 8.28 2.90
C GLN A 48 24.17 7.75 4.31
N THR A 49 24.11 6.43 4.45
CA THR A 49 23.84 5.82 5.75
C THR A 49 24.22 4.36 5.70
N PRO A 50 24.75 3.80 6.79
CA PRO A 50 25.07 2.36 6.82
C PRO A 50 23.80 1.53 6.79
N GLU A 51 23.96 0.28 6.34
CA GLU A 51 22.84 -0.65 6.29
C GLU A 51 22.27 -0.92 7.68
N ILE A 52 23.12 -0.90 8.72
CA ILE A 52 22.63 -1.13 10.07
C ILE A 52 21.70 -0.01 10.51
N ILE A 53 21.98 1.23 10.08
CA ILE A 53 21.11 2.34 10.46
C ILE A 53 19.74 2.20 9.81
N LYS A 54 19.71 1.85 8.52
CA LYS A 54 18.44 1.61 7.84
C LYS A 54 17.69 0.45 8.48
N PHE A 55 18.42 -0.59 8.88
CA PHE A 55 17.82 -1.77 9.49
C PHE A 55 17.17 -1.44 10.84
N LEU A 56 17.90 -0.69 11.68
CA LEU A 56 17.35 -0.25 12.95
C LEU A 56 16.19 0.71 12.74
N LYS A 57 16.27 1.55 11.70
CA LYS A 57 15.17 2.45 11.39
C LYS A 57 13.92 1.69 10.97
N GLN A 58 14.10 0.60 10.22
CA GLN A 58 12.97 -0.24 9.86
C GLN A 58 12.34 -0.90 11.08
N MET A 59 13.17 -1.35 12.04
CA MET A 59 12.57 -1.83 13.29
C MET A 59 12.02 -0.71 14.17
N VAL A 60 12.34 0.56 13.89
CA VAL A 60 11.71 1.66 14.62
C VAL A 60 10.80 2.48 13.70
N GLY A 61 10.48 1.95 12.52
CA GLY A 61 9.65 2.64 11.55
C GLY A 61 8.22 2.10 11.54
N GLY A 62 7.27 3.00 11.33
CA GLY A 62 5.87 2.61 11.26
C GLY A 62 5.20 2.67 12.62
N PHE A 63 4.55 1.58 13.00
CA PHE A 63 3.90 1.47 14.30
C PHE A 63 4.72 0.64 15.28
N SER A 64 6.00 0.40 14.98
CA SER A 64 6.81 -0.47 15.82
C SER A 64 7.11 0.17 17.18
N ILE A 65 7.03 1.49 17.28
CA ILE A 65 7.25 2.15 18.57
C ILE A 65 6.18 1.71 19.56
N LEU A 66 4.93 1.58 19.11
CA LEU A 66 3.87 1.13 19.99
C LEU A 66 4.11 -0.29 20.47
N LEU A 67 4.56 -1.18 19.59
CA LEU A 67 4.86 -2.55 20.00
C LEU A 67 6.01 -2.58 21.00
N TRP A 68 7.05 -1.79 20.76
CA TRP A 68 8.17 -1.76 21.69
C TRP A 68 7.75 -1.25 23.06
N ILE A 69 6.96 -0.18 23.09
CA ILE A 69 6.49 0.36 24.37
C ILE A 69 5.59 -0.64 25.07
N GLY A 70 4.72 -1.32 24.32
CA GLY A 70 3.86 -2.33 24.93
C GLY A 70 4.64 -3.48 25.52
N ALA A 71 5.66 -3.97 24.79
CA ALA A 71 6.50 -5.04 25.31
C ALA A 71 7.25 -4.59 26.56
N ALA A 72 7.77 -3.35 26.54
CA ALA A 72 8.48 -2.83 27.71
C ALA A 72 7.56 -2.73 28.92
N LEU A 73 6.33 -2.24 28.72
CA LEU A 73 5.39 -2.14 29.81
C LEU A 73 4.99 -3.52 30.33
N CYS A 74 4.82 -4.48 29.42
CA CYS A 74 4.48 -5.84 29.84
C CYS A 74 5.61 -6.45 30.66
N TRP A 75 6.85 -6.23 30.25
CA TRP A 75 7.99 -6.76 31.00
C TRP A 75 8.12 -6.07 32.36
N ILE A 76 7.85 -4.76 32.41
CA ILE A 76 7.87 -4.05 33.69
C ILE A 76 6.81 -4.60 34.63
N ALA A 77 5.61 -4.85 34.09
CA ALA A 77 4.54 -5.43 34.90
C ALA A 77 4.92 -6.82 35.39
N PHE A 78 5.56 -7.62 34.54
CA PHE A 78 6.02 -8.94 34.95
C PHE A 78 7.03 -8.83 36.09
N VAL A 79 7.96 -7.89 35.98
CA VAL A 79 8.95 -7.69 37.03
C VAL A 79 8.26 -7.29 38.33
N ILE A 80 7.30 -6.36 38.25
CA ILE A 80 6.60 -5.90 39.44
C ILE A 80 5.85 -7.05 40.11
N GLN A 81 5.16 -7.87 39.32
CA GLN A 81 4.39 -8.96 39.91
C GLN A 81 5.28 -10.08 40.42
N TYR A 82 6.46 -10.28 39.81
CA TYR A 82 7.39 -11.29 40.28
C TYR A 82 8.16 -10.85 41.52
N VAL A 83 8.28 -9.54 41.75
CA VAL A 83 8.93 -9.05 42.97
C VAL A 83 8.18 -9.52 44.20
N ASN A 84 6.84 -9.44 44.16
CA ASN A 84 6.04 -9.80 45.32
C ASN A 84 6.02 -11.32 45.54
N ASN A 85 5.51 -12.06 44.57
CA ASN A 85 5.40 -13.52 44.67
C ASN A 85 5.84 -14.12 43.34
N SER A 86 5.61 -15.43 43.19
CA SER A 86 5.93 -16.10 41.94
C SER A 86 5.09 -15.54 40.79
N ALA A 87 3.82 -15.25 41.06
CA ALA A 87 2.90 -14.65 40.09
C ALA A 87 2.76 -15.59 38.89
N SER A 88 2.55 -15.03 37.71
CA SER A 88 2.33 -15.81 36.49
C SER A 88 3.41 -15.49 35.48
N LEU A 89 3.90 -16.54 34.81
CA LEU A 89 4.94 -16.39 33.78
C LEU A 89 4.33 -16.19 32.39
N ASP A 90 3.40 -15.22 32.31
CA ASP A 90 2.67 -14.96 31.08
C ASP A 90 2.98 -13.62 30.45
N ASN A 91 3.30 -12.61 31.25
CA ASN A 91 3.66 -11.31 30.69
C ASN A 91 5.00 -11.38 29.96
N VAL A 92 5.94 -12.17 30.47
CA VAL A 92 7.23 -12.31 29.80
C VAL A 92 7.08 -13.01 28.46
N TYR A 93 6.24 -14.05 28.39
CA TYR A 93 6.04 -14.75 27.12
C TYR A 93 5.30 -13.87 26.13
N LEU A 94 4.31 -13.09 26.59
CA LEU A 94 3.61 -12.18 25.71
C LEU A 94 4.55 -11.11 25.17
N GLY A 95 5.40 -10.55 26.03
CA GLY A 95 6.40 -9.60 25.57
C GLY A 95 7.38 -10.21 24.58
N ALA A 96 7.77 -11.47 24.81
CA ALA A 96 8.65 -12.15 23.87
C ALA A 96 7.98 -12.30 22.50
N ILE A 97 6.69 -12.64 22.49
CA ILE A 97 5.96 -12.77 21.23
C ILE A 97 5.87 -11.43 20.52
N LEU A 98 5.59 -10.35 21.27
CA LEU A 98 5.53 -9.03 20.66
C LEU A 98 6.88 -8.62 20.08
N VAL A 99 7.97 -8.90 20.80
CA VAL A 99 9.30 -8.58 20.29
C VAL A 99 9.59 -9.38 19.03
N LEU A 100 9.25 -10.67 19.03
CA LEU A 100 9.48 -11.50 17.85
C LEU A 100 8.70 -10.97 16.65
N VAL A 101 7.44 -10.60 16.85
CA VAL A 101 6.62 -10.17 15.72
C VAL A 101 7.09 -8.82 15.20
N VAL A 102 7.50 -7.90 16.08
CA VAL A 102 7.97 -6.61 15.61
C VAL A 102 9.30 -6.77 14.89
N ILE A 103 10.18 -7.65 15.38
CA ILE A 103 11.44 -7.91 14.69
C ILE A 103 11.19 -8.50 13.31
N LEU A 104 10.27 -9.46 13.22
CA LEU A 104 9.97 -10.08 11.93
C LEU A 104 9.40 -9.06 10.95
N THR A 105 8.47 -8.21 11.42
CA THR A 105 7.89 -7.19 10.54
C THR A 105 8.96 -6.22 10.07
N GLY A 106 9.83 -5.77 10.97
CA GLY A 106 10.90 -4.88 10.58
C GLY A 106 11.86 -5.50 9.58
N ILE A 107 12.19 -6.78 9.79
CA ILE A 107 13.09 -7.48 8.87
C ILE A 107 12.46 -7.58 7.49
N PHE A 108 11.17 -7.95 7.44
CA PHE A 108 10.50 -8.07 6.15
C PHE A 108 10.44 -6.73 5.43
N ALA A 109 10.09 -5.65 6.16
CA ALA A 109 10.02 -4.33 5.55
C ALA A 109 11.39 -3.90 5.05
N TYR A 110 12.44 -4.13 5.85
CA TYR A 110 13.80 -3.78 5.44
C TYR A 110 14.22 -4.54 4.20
N TYR A 111 13.92 -5.84 4.15
CA TYR A 111 14.27 -6.64 2.99
C TYR A 111 13.55 -6.13 1.74
N GLN A 112 12.26 -5.83 1.86
CA GLN A 112 11.50 -5.35 0.71
C GLN A 112 12.01 -4.00 0.22
N GLU A 113 12.26 -3.06 1.13
CA GLU A 113 12.71 -1.74 0.71
C GLU A 113 14.13 -1.82 0.14
N ALA A 114 14.98 -2.69 0.70
CA ALA A 114 16.31 -2.88 0.14
C ALA A 114 16.23 -3.47 -1.26
N LYS A 115 15.36 -4.45 -1.48
CA LYS A 115 15.20 -5.01 -2.82
C LYS A 115 14.73 -3.95 -3.80
N SER A 116 13.76 -3.13 -3.39
CA SER A 116 13.29 -2.06 -4.26
C SER A 116 14.40 -1.06 -4.57
N THR A 117 15.19 -0.70 -3.56
CA THR A 117 16.27 0.26 -3.77
C THR A 117 17.34 -0.30 -4.70
N ASN A 118 17.72 -1.57 -4.53
CA ASN A 118 18.69 -2.17 -5.44
C ASN A 118 18.13 -2.24 -6.85
N ILE A 119 16.86 -2.59 -7.01
CA ILE A 119 16.26 -2.67 -8.33
C ILE A 119 16.28 -1.30 -9.00
N MET A 120 15.84 -0.26 -8.29
CA MET A 120 15.77 1.07 -8.88
C MET A 120 17.16 1.60 -9.21
N ALA A 121 18.14 1.37 -8.34
CA ALA A 121 19.49 1.84 -8.61
C ALA A 121 20.09 1.12 -9.81
N SER A 122 19.98 -0.22 -9.83
CA SER A 122 20.55 -0.97 -10.94
C SER A 122 19.89 -0.61 -12.26
N PHE A 123 18.58 -0.36 -12.25
CA PHE A 123 17.86 -0.04 -13.48
C PHE A 123 17.91 1.44 -13.82
N SER A 124 18.43 2.28 -12.94
CA SER A 124 18.77 3.66 -13.26
C SER A 124 20.24 3.85 -13.58
N LYS A 125 21.07 2.81 -13.44
CA LYS A 125 22.50 2.95 -13.60
C LYS A 125 23.06 2.46 -14.93
N MET A 126 22.36 1.59 -15.67
CA MET A 126 22.96 1.17 -16.94
C MET A 126 22.88 2.26 -18.00
N ILE A 127 22.04 3.28 -17.80
CA ILE A 127 21.89 4.34 -18.80
C ILE A 127 23.20 5.13 -18.85
N PRO A 128 23.89 5.16 -19.98
CA PRO A 128 25.19 5.82 -20.05
C PRO A 128 25.08 7.25 -20.58
N GLN A 129 25.87 8.13 -19.98
CA GLN A 129 26.01 9.49 -20.49
C GLN A 129 26.99 9.48 -21.66
N GLN A 130 26.57 10.04 -22.78
CA GLN A 130 27.37 10.05 -23.99
C GLN A 130 28.01 11.42 -24.20
N ALA A 131 29.17 11.42 -24.82
CA ALA A 131 29.89 12.64 -25.15
C ALA A 131 30.33 12.58 -26.60
N LEU A 132 30.12 13.67 -27.33
CA LEU A 132 30.47 13.74 -28.75
C LEU A 132 31.89 14.28 -28.87
N VAL A 133 32.86 13.38 -28.76
CA VAL A 133 34.27 13.75 -28.85
C VAL A 133 34.71 13.66 -30.30
N ILE A 134 35.76 14.40 -30.64
CA ILE A 134 36.32 14.43 -31.99
C ILE A 134 37.77 13.97 -31.90
N ARG A 135 38.11 12.92 -32.65
CA ARG A 135 39.46 12.38 -32.67
C ARG A 135 39.87 12.10 -34.11
N ASP A 136 41.09 12.51 -34.45
CA ASP A 136 41.63 12.35 -35.80
C ASP A 136 40.71 12.96 -36.85
N ALA A 137 40.21 14.17 -36.55
CA ALA A 137 39.28 14.91 -37.41
C ALA A 137 38.00 14.13 -37.65
N GLU A 138 37.66 13.20 -36.76
CA GLU A 138 36.45 12.40 -36.89
C GLU A 138 35.76 12.34 -35.52
N LYS A 139 34.43 12.28 -35.55
CA LYS A 139 33.63 12.28 -34.34
C LYS A 139 33.05 10.90 -34.11
N LYS A 140 33.24 10.38 -32.89
CA LYS A 140 32.69 9.11 -32.46
C LYS A 140 32.04 9.28 -31.11
N VAL A 141 30.89 8.64 -30.91
CA VAL A 141 30.13 8.74 -29.67
C VAL A 141 30.67 7.72 -28.68
N ILE A 142 31.20 8.20 -27.56
CA ILE A 142 31.72 7.35 -26.50
C ILE A 142 31.09 7.79 -25.17
N SER A 143 31.12 6.87 -24.20
CA SER A 143 30.53 7.14 -22.91
C SER A 143 31.30 8.23 -22.17
N ALA A 144 30.58 8.94 -21.29
CA ALA A 144 31.20 10.01 -20.51
C ALA A 144 32.25 9.48 -19.53
N GLU A 145 32.13 8.22 -19.11
CA GLU A 145 33.13 7.62 -18.24
C GLU A 145 34.49 7.49 -18.93
N GLN A 146 34.51 7.43 -20.26
CA GLN A 146 35.74 7.34 -21.02
C GLN A 146 36.37 8.70 -21.29
N LEU A 147 35.73 9.79 -20.87
CA LEU A 147 36.25 11.11 -21.14
C LEU A 147 37.54 11.35 -20.37
N VAL A 148 38.46 12.10 -20.98
CA VAL A 148 39.75 12.41 -20.37
C VAL A 148 39.90 13.92 -20.27
N VAL A 149 41.05 14.38 -19.77
CA VAL A 149 41.31 15.79 -19.55
C VAL A 149 42.14 16.32 -20.72
N GLY A 150 41.67 17.40 -21.33
CA GLY A 150 42.38 18.08 -22.40
C GLY A 150 41.73 17.95 -23.76
N ASP A 151 40.90 16.92 -23.96
CA ASP A 151 40.27 16.72 -25.25
C ASP A 151 39.19 17.78 -25.51
N VAL A 152 38.84 17.92 -26.78
CA VAL A 152 37.82 18.88 -27.20
C VAL A 152 36.47 18.17 -27.25
N VAL A 153 35.45 18.81 -26.67
CA VAL A 153 34.11 18.25 -26.61
C VAL A 153 33.13 19.27 -27.18
N GLU A 154 32.30 18.82 -28.12
CA GLU A 154 31.28 19.67 -28.72
C GLU A 154 29.93 19.33 -28.12
N ILE A 155 29.24 20.33 -27.58
CA ILE A 155 27.95 20.15 -26.94
C ILE A 155 26.96 21.16 -27.53
N LYS A 156 25.81 20.68 -27.96
CA LYS A 156 24.73 21.50 -28.46
C LYS A 156 23.56 21.48 -27.48
N GLY A 157 22.46 22.12 -27.87
CA GLY A 157 21.27 22.17 -27.04
C GLY A 157 20.69 20.80 -26.71
N GLY A 158 20.35 20.58 -25.45
CA GLY A 158 19.73 19.36 -25.00
C GLY A 158 20.66 18.36 -24.36
N ASP A 159 21.96 18.47 -24.59
CA ASP A 159 22.94 17.55 -24.05
C ASP A 159 23.69 18.19 -22.89
N GLN A 160 23.77 17.47 -21.77
CA GLN A 160 24.50 17.96 -20.62
C GLN A 160 25.99 18.03 -20.91
N ILE A 161 26.65 19.07 -20.40
CA ILE A 161 28.07 19.25 -20.61
C ILE A 161 28.82 18.19 -19.80
N PRO A 162 29.65 17.37 -20.43
CA PRO A 162 30.22 16.20 -19.73
C PRO A 162 31.31 16.53 -18.72
N ALA A 163 31.95 17.70 -18.79
CA ALA A 163 33.06 18.01 -17.90
C ALA A 163 33.30 19.51 -17.93
N ASP A 164 34.34 19.94 -17.20
CA ASP A 164 34.73 21.34 -17.12
C ASP A 164 35.41 21.72 -18.43
N ILE A 165 34.65 22.34 -19.34
CA ILE A 165 35.12 22.67 -20.68
C ILE A 165 35.31 24.18 -20.79
N ARG A 166 36.44 24.59 -21.36
CA ARG A 166 36.69 25.99 -21.68
C ARG A 166 36.23 26.24 -23.12
N LEU A 167 35.20 27.07 -23.28
CA LEU A 167 34.59 27.26 -24.58
C LEU A 167 35.53 28.01 -25.52
N VAL A 168 35.71 27.47 -26.73
CA VAL A 168 36.52 28.11 -27.75
C VAL A 168 35.70 28.52 -28.97
N PHE A 169 34.45 28.07 -29.07
CA PHE A 169 33.60 28.45 -30.20
C PHE A 169 32.16 28.35 -29.75
N SER A 170 31.51 29.49 -29.55
CA SER A 170 30.11 29.55 -29.13
C SER A 170 29.34 30.45 -30.09
N GLN A 171 28.22 29.94 -30.60
CA GLN A 171 27.37 30.68 -31.53
C GLN A 171 26.03 30.92 -30.86
N GLY A 172 25.95 32.01 -30.10
CA GLY A 172 24.72 32.34 -29.38
C GLY A 172 24.27 31.29 -28.40
N CYS A 173 25.18 30.42 -27.94
CA CYS A 173 24.79 29.33 -27.07
C CYS A 173 24.33 29.85 -25.71
N LYS A 174 23.25 29.27 -25.21
CA LYS A 174 22.71 29.59 -23.89
C LYS A 174 22.75 28.34 -23.02
N VAL A 175 23.20 28.51 -21.78
CA VAL A 175 23.33 27.41 -20.84
C VAL A 175 22.55 27.71 -19.58
N ASP A 176 22.16 26.66 -18.87
CA ASP A 176 21.44 26.78 -17.61
C ASP A 176 22.42 26.48 -16.47
N ASN A 177 22.73 27.50 -15.67
CA ASN A 177 23.65 27.38 -14.56
C ASN A 177 22.95 27.20 -13.22
N SER A 178 21.79 26.52 -13.22
CA SER A 178 21.06 26.30 -11.98
C SER A 178 21.89 25.45 -11.01
N SER A 179 22.54 24.40 -11.52
CA SER A 179 23.38 23.57 -10.67
C SER A 179 24.64 24.32 -10.24
N LEU A 180 25.06 25.32 -11.02
CA LEU A 180 26.27 26.08 -10.70
C LEU A 180 25.94 27.33 -9.88
N THR A 181 25.08 28.21 -10.42
CA THR A 181 24.73 29.45 -9.76
C THR A 181 23.37 29.39 -9.07
N GLY A 182 22.36 28.82 -9.73
CA GLY A 182 21.03 28.74 -9.15
C GLY A 182 19.93 29.17 -10.08
N GLU A 183 20.28 29.97 -11.09
CA GLU A 183 19.29 30.48 -12.03
C GLU A 183 19.10 29.53 -13.20
N SER A 184 17.86 29.40 -13.65
CA SER A 184 17.52 28.63 -14.84
C SER A 184 17.40 29.50 -16.08
N GLU A 185 17.71 30.79 -15.97
CA GLU A 185 17.59 31.69 -17.10
C GLU A 185 18.63 31.37 -18.16
N PRO A 186 18.36 31.71 -19.43
CA PRO A 186 19.36 31.48 -20.49
C PRO A 186 20.60 32.33 -20.31
N GLN A 187 21.73 31.68 -20.02
CA GLN A 187 23.01 32.36 -19.83
C GLN A 187 23.81 32.27 -21.13
N ALA A 188 24.03 33.40 -21.78
CA ALA A 188 24.77 33.41 -23.02
C ALA A 188 26.23 33.03 -22.80
N ARG A 189 26.82 32.43 -23.82
CA ARG A 189 28.21 31.96 -23.76
C ARG A 189 29.02 32.64 -24.85
N SER A 190 30.22 33.10 -24.49
CA SER A 190 31.10 33.79 -25.41
C SER A 190 32.51 33.23 -25.31
N THR A 191 33.18 33.12 -26.46
CA THR A 191 34.55 32.61 -26.48
C THR A 191 35.50 33.57 -25.79
N GLU A 192 35.29 34.87 -25.96
CA GLU A 192 36.21 35.87 -25.42
C GLU A 192 36.22 35.83 -23.90
N PHE A 193 37.41 36.01 -23.32
CA PHE A 193 37.55 36.06 -21.87
C PHE A 193 36.92 37.35 -21.34
N THR A 194 36.03 37.21 -20.35
CA THR A 194 35.23 38.33 -19.88
C THR A 194 35.55 38.71 -18.44
N HIS A 195 35.46 37.78 -17.49
CA HIS A 195 35.57 38.07 -16.08
C HIS A 195 36.78 37.36 -15.48
N GLU A 196 37.48 38.06 -14.58
CA GLU A 196 38.66 37.49 -13.93
C GLU A 196 38.29 36.26 -13.10
N ASN A 197 37.16 36.32 -12.40
CA ASN A 197 36.73 35.18 -11.59
C ASN A 197 36.33 34.03 -12.52
N PRO A 198 36.74 32.79 -12.21
CA PRO A 198 36.37 31.66 -13.08
C PRO A 198 34.86 31.47 -13.22
N LEU A 199 34.10 31.70 -12.14
CA LEU A 199 32.66 31.46 -12.19
C LEU A 199 31.95 32.49 -13.07
N GLU A 200 32.36 33.75 -12.99
CA GLU A 200 31.64 34.83 -13.65
C GLU A 200 31.90 34.87 -15.16
N THR A 201 33.07 34.44 -15.61
CA THR A 201 33.40 34.51 -17.03
C THR A 201 32.56 33.52 -17.83
N LYS A 202 32.34 33.86 -19.10
CA LYS A 202 31.50 33.08 -20.00
C LYS A 202 32.31 32.24 -20.98
N ASN A 203 33.61 32.09 -20.77
CA ASN A 203 34.46 31.33 -21.68
C ASN A 203 34.71 29.90 -21.21
N ILE A 204 34.01 29.44 -20.19
CA ILE A 204 34.24 28.11 -19.63
C ILE A 204 32.96 27.61 -19.00
N GLY A 205 32.65 26.34 -19.22
CA GLY A 205 31.53 25.66 -18.57
C GLY A 205 32.07 24.67 -17.56
N PHE A 206 31.40 24.58 -16.41
CA PHE A 206 31.93 23.89 -15.23
C PHE A 206 31.15 22.63 -14.89
N TYR A 207 30.73 21.87 -15.91
CA TYR A 207 30.07 20.58 -15.73
C TYR A 207 28.71 20.74 -15.02
N SER A 208 27.90 19.69 -15.05
CA SER A 208 26.58 19.67 -14.41
C SER A 208 25.66 20.76 -14.96
N THR A 209 25.85 21.11 -16.23
CA THR A 209 25.04 22.13 -16.88
C THR A 209 24.67 21.67 -18.28
N THR A 210 23.56 22.20 -18.78
CA THR A 210 23.05 21.85 -20.10
C THR A 210 22.91 23.11 -20.95
N CYS A 211 23.16 22.96 -22.25
CA CYS A 211 23.01 24.07 -23.18
C CYS A 211 21.54 24.19 -23.58
N LEU A 212 20.97 25.37 -23.41
CA LEU A 212 19.55 25.56 -23.71
C LEU A 212 19.30 25.59 -25.21
N GLU A 213 20.18 26.24 -25.97
CA GLU A 213 20.03 26.28 -27.41
C GLU A 213 21.37 26.70 -28.04
N GLY A 214 21.48 26.44 -29.34
CA GLY A 214 22.72 26.72 -30.04
C GLY A 214 23.73 25.60 -29.90
N THR A 215 24.97 25.90 -30.29
CA THR A 215 26.07 24.96 -30.23
C THR A 215 27.27 25.62 -29.58
N ALA A 216 28.10 24.80 -28.94
CA ALA A 216 29.28 25.28 -28.24
C ALA A 216 30.40 24.27 -28.34
N THR A 217 31.62 24.77 -28.54
CA THR A 217 32.83 23.95 -28.58
C THR A 217 33.72 24.33 -27.41
N GLY A 218 34.15 23.33 -26.63
CA GLY A 218 34.90 23.58 -25.42
C GLY A 218 36.11 22.66 -25.31
N ILE A 219 37.00 23.01 -24.38
CA ILE A 219 38.21 22.26 -24.10
C ILE A 219 38.20 21.85 -22.63
N VAL A 220 38.34 20.55 -22.38
CA VAL A 220 38.22 20.02 -21.03
C VAL A 220 39.41 20.47 -20.20
N ILE A 221 39.12 20.98 -18.99
CA ILE A 221 40.14 21.38 -18.04
C ILE A 221 40.11 20.49 -16.78
N ASN A 222 38.93 20.29 -16.21
CA ASN A 222 38.77 19.51 -14.99
C ASN A 222 37.78 18.38 -15.24
N THR A 223 38.01 17.26 -14.55
CA THR A 223 37.19 16.07 -14.69
C THR A 223 37.04 15.40 -13.33
N GLY A 224 35.81 15.04 -12.98
CA GLY A 224 35.54 14.38 -11.72
C GLY A 224 35.30 15.34 -10.58
N ASP A 225 36.10 15.22 -9.52
CA ASP A 225 35.98 16.12 -8.37
C ASP A 225 36.72 17.43 -8.56
N ARG A 226 37.51 17.55 -9.63
CA ARG A 226 38.28 18.78 -9.84
C ARG A 226 37.40 19.96 -10.24
N THR A 227 36.27 19.70 -10.90
CA THR A 227 35.40 20.77 -11.35
C THR A 227 34.67 21.41 -10.17
N ILE A 228 34.06 22.56 -10.43
CA ILE A 228 33.43 23.36 -9.37
C ILE A 228 32.31 22.57 -8.69
N ILE A 229 31.46 21.91 -9.49
CA ILE A 229 30.39 21.11 -8.91
C ILE A 229 30.96 19.96 -8.09
N GLY A 230 32.08 19.40 -8.54
CA GLY A 230 32.77 18.41 -7.73
C GLY A 230 33.48 19.01 -6.53
N ARG A 231 33.88 20.28 -6.64
CA ARG A 231 34.52 20.95 -5.51
C ARG A 231 33.53 21.24 -4.40
N ILE A 232 32.31 21.66 -4.76
CA ILE A 232 31.28 21.95 -3.77
C ILE A 232 30.62 20.66 -3.32
N ALA A 233 30.27 20.59 -2.04
CA ALA A 233 29.72 19.38 -1.45
C ALA A 233 28.25 19.16 -1.78
N SER A 234 27.57 20.14 -2.36
CA SER A 234 26.17 19.97 -2.71
C SER A 234 26.01 18.92 -3.80
N LEU A 235 24.97 18.09 -3.67
CA LEU A 235 24.73 17.00 -4.61
C LEU A 235 24.14 17.56 -5.90
N ALA A 236 24.83 17.32 -7.02
CA ALA A 236 24.31 17.71 -8.32
C ALA A 236 23.04 16.92 -8.65
N SER A 237 23.04 15.63 -8.33
CA SER A 237 21.89 14.77 -8.61
C SER A 237 21.77 13.74 -7.49
N GLY A 238 20.59 13.14 -7.40
CA GLY A 238 20.32 12.17 -6.37
C GLY A 238 18.96 12.34 -5.72
N VAL A 239 18.93 12.53 -4.41
CA VAL A 239 17.68 12.73 -3.69
C VAL A 239 17.25 14.18 -3.84
N GLY A 240 16.03 14.39 -4.34
CA GLY A 240 15.46 15.70 -4.52
C GLY A 240 14.46 16.05 -3.45
N SER A 241 13.50 16.90 -3.80
CA SER A 241 12.44 17.34 -2.90
C SER A 241 11.10 16.96 -3.53
N GLU A 242 10.41 15.98 -2.96
CA GLU A 242 9.14 15.52 -3.48
C GLU A 242 8.41 14.73 -2.41
N LYS A 243 7.11 14.99 -2.27
CA LYS A 243 6.26 14.26 -1.34
C LYS A 243 4.99 13.86 -2.09
N THR A 244 4.84 12.58 -2.38
CA THR A 244 3.71 12.11 -3.15
C THR A 244 2.41 12.25 -2.37
N PRO A 245 1.30 12.56 -3.05
CA PRO A 245 0.02 12.70 -2.34
C PRO A 245 -0.47 11.43 -1.67
N ILE A 246 -0.10 10.25 -2.17
CA ILE A 246 -0.53 9.02 -1.51
C ILE A 246 0.13 8.89 -0.15
N ALA A 247 1.36 9.36 0.00
CA ALA A 247 1.98 9.41 1.32
C ALA A 247 1.19 10.31 2.26
N ILE A 248 0.72 11.45 1.76
CA ILE A 248 -0.09 12.35 2.57
C ILE A 248 -1.38 11.66 3.00
N GLU A 249 -2.04 10.96 2.05
CA GLU A 249 -3.27 10.26 2.37
C GLU A 249 -3.05 9.18 3.43
N ILE A 250 -2.01 8.37 3.26
CA ILE A 250 -1.73 7.29 4.21
C ILE A 250 -1.37 7.87 5.57
N GLU A 251 -0.59 8.95 5.60
CA GLU A 251 -0.19 9.54 6.87
C GLU A 251 -1.39 10.14 7.59
N HIS A 252 -2.30 10.78 6.86
CA HIS A 252 -3.52 11.29 7.47
C HIS A 252 -4.38 10.16 8.02
N PHE A 253 -4.50 9.06 7.26
CA PHE A 253 -5.28 7.92 7.73
C PHE A 253 -4.70 7.32 9.00
N VAL A 254 -3.38 7.15 9.03
CA VAL A 254 -2.77 6.56 10.22
C VAL A 254 -2.88 7.50 11.42
N HIS A 255 -2.76 8.81 11.18
CA HIS A 255 -2.96 9.76 12.28
C HIS A 255 -4.36 9.66 12.87
N ILE A 256 -5.38 9.62 12.01
CA ILE A 256 -6.75 9.61 12.52
C ILE A 256 -7.06 8.28 13.20
N VAL A 257 -6.56 7.16 12.66
CA VAL A 257 -6.82 5.88 13.31
C VAL A 257 -6.07 5.79 14.63
N ALA A 258 -4.86 6.36 14.71
CA ALA A 258 -4.13 6.39 15.98
C ALA A 258 -4.88 7.23 17.01
N GLY A 259 -5.43 8.37 16.59
CA GLY A 259 -6.20 9.18 17.51
C GLY A 259 -7.43 8.48 18.03
N VAL A 260 -8.17 7.81 17.13
CA VAL A 260 -9.36 7.09 17.58
C VAL A 260 -8.98 5.92 18.47
N ALA A 261 -7.86 5.26 18.18
CA ALA A 261 -7.39 4.17 19.03
C ALA A 261 -7.00 4.67 20.41
N VAL A 262 -6.40 5.87 20.48
CA VAL A 262 -6.07 6.46 21.77
C VAL A 262 -7.34 6.78 22.55
N SER A 263 -8.35 7.34 21.89
CA SER A 263 -9.61 7.58 22.60
C SER A 263 -10.20 6.27 23.13
N ILE A 264 -10.16 5.21 22.30
CA ILE A 264 -10.70 3.92 22.70
C ILE A 264 -9.94 3.34 23.88
N ASP A 265 -8.60 3.40 23.86
CA ASP A 265 -7.86 2.78 24.95
C ASP A 265 -8.08 3.56 26.24
N ILE A 266 -8.19 4.89 26.14
CA ILE A 266 -8.45 5.69 27.34
C ILE A 266 -9.80 5.32 27.93
N ILE A 267 -10.83 5.21 27.09
CA ILE A 267 -12.16 4.94 27.64
C ILE A 267 -12.23 3.53 28.21
N PHE A 268 -11.62 2.54 27.55
CA PHE A 268 -11.61 1.19 28.11
C PHE A 268 -10.77 1.10 29.37
N PHE A 269 -9.66 1.84 29.44
CA PHE A 269 -8.86 1.82 30.66
C PHE A 269 -9.62 2.43 31.83
N ILE A 270 -10.36 3.51 31.58
CA ILE A 270 -11.16 4.11 32.64
C ILE A 270 -12.24 3.13 33.09
N THR A 271 -12.93 2.48 32.14
CA THR A 271 -13.95 1.51 32.51
C THR A 271 -13.36 0.34 33.28
N ALA A 272 -12.19 -0.15 32.85
CA ALA A 272 -11.57 -1.30 33.50
C ALA A 272 -11.11 -0.96 34.91
N VAL A 273 -10.58 0.25 35.12
CA VAL A 273 -10.24 0.68 36.47
C VAL A 273 -11.50 0.81 37.31
N CYS A 274 -12.59 1.30 36.71
CA CYS A 274 -13.86 1.40 37.43
C CYS A 274 -14.40 0.03 37.82
N MET A 275 -14.18 -0.99 36.97
CA MET A 275 -14.66 -2.33 37.25
C MET A 275 -13.74 -3.14 38.16
N LYS A 276 -12.83 -2.47 38.87
CA LYS A 276 -12.00 -3.10 39.90
C LYS A 276 -11.08 -4.17 39.32
N TYR A 277 -10.34 -3.80 38.28
CA TYR A 277 -9.23 -4.61 37.81
C TYR A 277 -7.93 -4.17 38.48
N TYR A 278 -6.94 -5.05 38.43
CA TYR A 278 -5.59 -4.68 38.83
C TYR A 278 -5.02 -3.69 37.83
N VAL A 279 -4.19 -2.77 38.33
CA VAL A 279 -3.68 -1.68 37.49
C VAL A 279 -2.85 -2.22 36.34
N LEU A 280 -1.97 -3.20 36.62
CA LEU A 280 -1.14 -3.77 35.57
C LEU A 280 -1.98 -4.50 34.54
N ASP A 281 -3.01 -5.24 34.98
CA ASP A 281 -3.90 -5.91 34.05
C ASP A 281 -4.60 -4.92 33.14
N ALA A 282 -5.09 -3.82 33.71
CA ALA A 282 -5.73 -2.78 32.90
C ALA A 282 -4.75 -2.13 31.94
N ILE A 283 -3.48 -1.98 32.35
CA ILE A 283 -2.48 -1.41 31.46
C ILE A 283 -2.19 -2.33 30.28
N ILE A 284 -2.10 -3.64 30.54
CA ILE A 284 -1.91 -4.59 29.45
C ILE A 284 -3.12 -4.59 28.52
N PHE A 285 -4.32 -4.46 29.10
CA PHE A 285 -5.53 -4.35 28.27
C PHE A 285 -5.48 -3.10 27.40
N LEU A 286 -5.04 -1.98 27.98
CA LEU A 286 -4.84 -0.75 27.24
C LEU A 286 -3.91 -0.97 26.05
N ILE A 287 -2.77 -1.62 26.31
CA ILE A 287 -1.80 -1.89 25.26
C ILE A 287 -2.42 -2.75 24.15
N SER A 288 -3.17 -3.77 24.53
CA SER A 288 -3.83 -4.62 23.54
C SER A 288 -4.83 -3.81 22.71
N ILE A 289 -5.52 -2.86 23.34
CA ILE A 289 -6.49 -2.04 22.61
C ILE A 289 -5.77 -1.18 21.58
N ILE A 290 -4.64 -0.57 21.95
CA ILE A 290 -3.87 0.19 20.95
C ILE A 290 -3.37 -0.71 19.84
N VAL A 291 -2.76 -1.85 20.18
CA VAL A 291 -2.15 -2.68 19.16
C VAL A 291 -3.20 -3.16 18.16
N ALA A 292 -4.34 -3.63 18.67
CA ALA A 292 -5.36 -4.21 17.80
C ALA A 292 -5.96 -3.18 16.85
N ASN A 293 -6.21 -1.96 17.33
CA ASN A 293 -6.92 -0.98 16.51
C ASN A 293 -6.04 -0.41 15.40
N VAL A 294 -4.77 -0.12 15.70
CA VAL A 294 -3.91 0.52 14.70
C VAL A 294 -3.61 -0.47 13.58
N PRO A 295 -3.49 -0.01 12.33
CA PRO A 295 -3.24 -0.91 11.19
C PRO A 295 -1.76 -1.21 11.00
N GLU A 296 -1.24 -2.08 11.87
CA GLU A 296 0.16 -2.50 11.76
C GLU A 296 0.38 -3.26 10.47
N GLY A 297 1.55 -3.02 9.85
CA GLY A 297 1.88 -3.61 8.58
C GLY A 297 1.39 -2.85 7.37
N LEU A 298 0.73 -1.71 7.56
CA LEU A 298 0.29 -0.91 6.41
C LEU A 298 1.49 -0.34 5.66
N LEU A 299 2.51 0.14 6.39
CA LEU A 299 3.72 0.63 5.74
C LEU A 299 4.45 -0.50 5.03
N ALA A 300 4.47 -1.69 5.63
CA ALA A 300 5.02 -2.85 4.93
C ALA A 300 4.24 -3.13 3.65
N THR A 301 2.92 -2.98 3.70
CA THR A 301 2.09 -3.23 2.52
C THR A 301 2.39 -2.24 1.41
N VAL A 302 2.51 -0.95 1.75
CA VAL A 302 2.79 0.04 0.71
C VAL A 302 4.19 -0.15 0.16
N THR A 303 5.15 -0.53 1.02
CA THR A 303 6.49 -0.85 0.54
C THR A 303 6.46 -2.02 -0.44
N VAL A 304 5.69 -3.06 -0.12
CA VAL A 304 5.58 -4.21 -1.02
C VAL A 304 4.97 -3.79 -2.34
N THR A 305 3.91 -2.96 -2.30
CA THR A 305 3.28 -2.52 -3.55
C THR A 305 4.26 -1.76 -4.43
N LEU A 306 5.00 -0.82 -3.85
CA LEU A 306 5.97 -0.06 -4.64
C LEU A 306 7.08 -0.96 -5.17
N SER A 307 7.59 -1.87 -4.34
CA SER A 307 8.66 -2.76 -4.76
C SER A 307 8.21 -3.70 -5.86
N LEU A 308 6.92 -4.04 -5.89
CA LEU A 308 6.42 -4.89 -6.98
C LEU A 308 6.22 -4.09 -8.26
N THR A 309 5.61 -2.91 -8.17
CA THR A 309 5.27 -2.18 -9.38
C THR A 309 6.50 -1.55 -10.04
N ALA A 310 7.52 -1.22 -9.25
CA ALA A 310 8.77 -0.78 -9.87
C ALA A 310 9.34 -1.87 -10.77
N LYS A 311 9.35 -3.11 -10.28
CA LYS A 311 9.79 -4.23 -11.11
C LYS A 311 8.84 -4.48 -12.27
N ARG A 312 7.54 -4.28 -12.07
CA ARG A 312 6.58 -4.52 -13.16
C ARG A 312 6.81 -3.55 -14.32
N MET A 313 7.06 -2.27 -14.01
CA MET A 313 7.46 -1.35 -15.08
C MET A 313 8.85 -1.68 -15.61
N ALA A 314 9.74 -2.21 -14.77
CA ALA A 314 11.05 -2.65 -15.25
C ALA A 314 10.92 -3.74 -16.30
N LYS A 315 9.93 -4.63 -16.14
CA LYS A 315 9.69 -5.65 -17.16
C LYS A 315 9.28 -5.02 -18.49
N LYS A 316 8.61 -3.88 -18.45
CA LYS A 316 8.23 -3.14 -19.65
C LYS A 316 9.33 -2.22 -20.14
N ASN A 317 10.55 -2.41 -19.65
CA ASN A 317 11.74 -1.70 -20.13
C ASN A 317 11.57 -0.19 -19.98
N CYS A 318 11.34 0.23 -18.74
CA CYS A 318 11.17 1.64 -18.40
C CYS A 318 12.03 1.98 -17.19
N LEU A 319 12.21 3.28 -16.98
CA LEU A 319 12.96 3.81 -15.84
C LEU A 319 12.07 4.79 -15.08
N VAL A 320 11.99 4.62 -13.76
CA VAL A 320 11.22 5.49 -12.89
C VAL A 320 12.16 6.05 -11.84
N LYS A 321 12.25 7.39 -11.78
CA LYS A 321 13.19 8.02 -10.86
C LYS A 321 12.72 7.94 -9.41
N ASN A 322 11.44 8.19 -9.17
CA ASN A 322 10.87 8.15 -7.83
C ASN A 322 9.91 6.97 -7.71
N LEU A 323 10.01 6.24 -6.60
CA LEU A 323 9.20 5.04 -6.43
C LEU A 323 7.72 5.36 -6.46
N GLU A 324 7.34 6.58 -6.09
CA GLU A 324 5.94 6.95 -5.97
C GLU A 324 5.45 7.84 -7.10
N ALA A 325 6.26 8.06 -8.13
CA ALA A 325 5.75 8.67 -9.36
C ALA A 325 4.70 7.80 -10.03
N VAL A 326 4.70 6.50 -9.71
CA VAL A 326 3.67 5.59 -10.19
C VAL A 326 2.29 6.03 -9.73
N GLU A 327 2.18 6.51 -8.49
CA GLU A 327 0.86 6.93 -7.99
C GLU A 327 0.35 8.15 -8.75
N THR A 328 1.23 9.12 -9.01
CA THR A 328 0.83 10.29 -9.79
C THR A 328 0.50 9.91 -11.22
N LEU A 329 1.26 8.98 -11.80
CA LEU A 329 0.97 8.53 -13.16
C LEU A 329 -0.39 7.83 -13.24
N GLY A 330 -0.73 7.06 -12.22
CA GLY A 330 -2.00 6.35 -12.22
C GLY A 330 -3.21 7.25 -12.13
N SER A 331 -3.05 8.47 -11.64
CA SER A 331 -4.13 9.45 -11.55
C SER A 331 -4.08 10.46 -12.68
N THR A 332 -3.25 10.25 -13.69
CA THR A 332 -3.16 11.18 -14.81
C THR A 332 -4.46 11.23 -15.57
N SER A 333 -4.93 12.45 -15.86
CA SER A 333 -6.17 12.66 -16.60
C SER A 333 -5.96 13.29 -17.97
N ILE A 334 -4.83 13.94 -18.21
CA ILE A 334 -4.50 14.52 -19.51
C ILE A 334 -3.10 14.09 -19.90
N ILE A 335 -2.94 13.63 -21.14
CA ILE A 335 -1.64 13.25 -21.67
C ILE A 335 -1.32 14.21 -22.81
N CYS A 336 -0.32 15.07 -22.59
CA CYS A 336 0.13 16.02 -23.60
C CYS A 336 1.33 15.40 -24.31
N SER A 337 1.08 14.75 -25.44
CA SER A 337 2.09 14.03 -26.18
C SER A 337 2.64 14.89 -27.32
N ASP A 338 3.83 14.51 -27.78
CA ASP A 338 4.48 15.15 -28.92
C ASP A 338 4.51 14.18 -30.09
N LYS A 339 4.07 14.63 -31.25
CA LYS A 339 3.93 13.76 -32.42
C LYS A 339 5.28 13.20 -32.85
N THR A 340 6.19 14.06 -33.29
CA THR A 340 7.46 13.62 -33.84
C THR A 340 8.37 13.11 -32.73
N GLY A 341 8.92 11.91 -32.92
CA GLY A 341 9.83 11.32 -31.97
C GLY A 341 9.18 10.42 -30.95
N THR A 342 7.88 10.56 -30.72
CA THR A 342 7.14 9.70 -29.80
C THR A 342 6.07 8.87 -30.49
N LEU A 343 5.15 9.52 -31.21
CA LEU A 343 4.10 8.79 -31.88
C LEU A 343 4.57 8.08 -33.14
N THR A 344 5.64 8.56 -33.76
CA THR A 344 6.13 8.05 -35.03
C THR A 344 7.45 7.32 -34.86
N GLN A 345 7.88 6.66 -35.94
CA GLN A 345 9.13 5.89 -35.95
C GLN A 345 10.37 6.75 -35.79
N ASN A 346 10.27 8.06 -35.99
CA ASN A 346 11.40 9.00 -36.01
C ASN A 346 12.38 8.70 -37.13
N ARG A 347 12.04 7.78 -38.04
CA ARG A 347 12.85 7.46 -39.21
C ARG A 347 12.10 7.92 -40.44
N MET A 348 12.73 8.76 -41.25
CA MET A 348 12.06 9.43 -42.35
C MET A 348 12.86 9.32 -43.63
N THR A 349 12.16 9.30 -44.76
CA THR A 349 12.75 9.22 -46.09
C THR A 349 12.00 10.15 -47.03
N VAL A 350 12.75 10.82 -47.92
CA VAL A 350 12.14 11.70 -48.90
C VAL A 350 11.34 10.87 -49.90
N ALA A 351 10.10 11.28 -50.14
CA ALA A 351 9.23 10.53 -51.05
C ALA A 351 8.62 11.39 -52.15
N HIS A 352 8.28 12.64 -51.86
CA HIS A 352 7.66 13.52 -52.85
C HIS A 352 8.38 14.86 -52.87
N LEU A 353 8.43 15.47 -54.05
CA LEU A 353 9.09 16.74 -54.25
C LEU A 353 8.20 17.65 -55.08
N TRP A 354 8.22 18.95 -54.77
CA TRP A 354 7.41 19.93 -55.48
C TRP A 354 8.29 21.08 -55.94
N PHE A 355 8.40 21.24 -57.26
CA PHE A 355 9.02 22.41 -57.85
C PHE A 355 8.47 22.58 -59.26
N ASP A 356 8.50 23.81 -59.75
CA ASP A 356 7.95 24.17 -61.07
C ASP A 356 6.48 23.76 -61.17
N ASN A 357 5.73 23.94 -60.08
CA ASN A 357 4.30 23.69 -60.03
C ASN A 357 3.96 22.26 -60.45
N GLN A 358 4.69 21.30 -59.89
CA GLN A 358 4.45 19.90 -60.17
C GLN A 358 4.94 19.05 -59.01
N ILE A 359 4.23 17.96 -58.75
CA ILE A 359 4.56 17.03 -57.67
C ILE A 359 5.32 15.85 -58.28
N PHE A 360 6.52 15.60 -57.77
CA PHE A 360 7.38 14.52 -58.26
C PHE A 360 7.46 13.42 -57.21
N VAL A 361 7.13 12.20 -57.62
CA VAL A 361 7.18 11.05 -56.71
C VAL A 361 8.59 10.46 -56.72
N ALA A 362 8.85 9.63 -55.71
CA ALA A 362 10.15 8.98 -55.58
C ALA A 362 9.98 7.64 -54.90
N ASP A 363 10.98 6.78 -55.03
CA ASP A 363 10.97 5.47 -54.43
C ASP A 363 11.28 5.59 -52.94
N THR A 364 10.43 4.98 -52.10
CA THR A 364 10.62 5.09 -50.66
C THR A 364 11.87 4.35 -50.20
N SER A 365 12.04 3.11 -50.64
CA SER A 365 13.18 2.30 -50.25
C SER A 365 13.57 1.38 -51.39
N GLU A 366 14.84 0.97 -51.39
CA GLU A 366 15.40 0.08 -52.42
C GLU A 366 15.16 0.64 -53.82
N ASN A 367 15.62 1.88 -54.02
CA ASN A 367 15.43 2.53 -55.32
C ASN A 367 16.21 1.81 -56.42
N GLN A 368 17.48 1.52 -56.17
CA GLN A 368 18.37 0.80 -57.09
C GLN A 368 18.50 1.47 -58.45
N THR A 369 18.02 2.71 -58.58
CA THR A 369 18.07 3.41 -59.87
C THR A 369 17.98 4.91 -59.60
N LYS A 370 18.32 5.69 -60.63
CA LYS A 370 18.29 7.13 -60.51
C LYS A 370 16.85 7.63 -60.45
N GLN A 371 16.69 8.85 -59.95
CA GLN A 371 15.37 9.44 -59.77
C GLN A 371 14.68 9.66 -61.11
N ALA A 372 13.34 9.63 -61.08
CA ALA A 372 12.57 9.81 -62.30
C ALA A 372 12.70 11.21 -62.86
N PHE A 373 12.66 12.22 -62.00
CA PHE A 373 12.71 13.60 -62.48
C PHE A 373 14.10 13.96 -62.97
N ASP A 374 14.16 14.81 -63.99
CA ASP A 374 15.43 15.20 -64.59
C ASP A 374 16.22 16.11 -63.64
N GLN A 375 17.53 15.90 -63.59
CA GLN A 375 18.41 16.71 -62.77
C GLN A 375 19.01 17.89 -63.52
N SER A 376 18.79 17.99 -64.82
CA SER A 376 19.38 19.06 -65.63
C SER A 376 18.63 20.38 -65.50
N SER A 377 17.43 20.38 -64.95
CA SER A 377 16.65 21.61 -64.82
C SER A 377 17.35 22.57 -63.86
N GLY A 378 17.29 23.86 -64.19
CA GLY A 378 17.91 24.86 -63.34
C GLY A 378 17.25 24.99 -61.98
N THR A 379 15.92 24.89 -61.94
CA THR A 379 15.20 25.00 -60.67
C THR A 379 15.59 23.89 -59.71
N TRP A 380 15.66 22.65 -60.21
CA TRP A 380 16.06 21.53 -59.36
C TRP A 380 17.52 21.63 -58.95
N ALA A 381 18.38 22.13 -59.84
CA ALA A 381 19.78 22.34 -59.46
C ALA A 381 19.89 23.37 -58.34
N SER A 382 19.13 24.46 -58.42
CA SER A 382 19.12 25.45 -57.36
C SER A 382 18.59 24.86 -56.06
N LEU A 383 17.53 24.04 -56.15
CA LEU A 383 16.97 23.41 -54.96
C LEU A 383 17.99 22.47 -54.31
N SER A 384 18.72 21.70 -55.12
CA SER A 384 19.74 20.81 -54.59
C SER A 384 20.88 21.60 -53.95
N LYS A 385 21.26 22.73 -54.56
CA LYS A 385 22.28 23.58 -53.95
C LYS A 385 21.82 24.12 -52.60
N ILE A 386 20.55 24.53 -52.52
CA ILE A 386 19.99 25.01 -51.25
C ILE A 386 20.04 23.90 -50.21
N ILE A 387 19.65 22.68 -50.61
CA ILE A 387 19.66 21.55 -49.69
C ILE A 387 21.07 21.28 -49.18
N THR A 388 22.05 21.28 -50.09
CA THR A 388 23.43 20.98 -49.69
C THR A 388 24.03 22.06 -48.82
N LEU A 389 23.73 23.34 -49.10
CA LEU A 389 24.40 24.42 -48.38
C LEU A 389 23.85 24.61 -46.97
N CYS A 390 22.53 24.80 -46.86
CA CYS A 390 21.93 25.10 -45.56
C CYS A 390 22.01 23.94 -44.57
N ASN A 391 22.29 22.73 -45.04
CA ASN A 391 22.33 21.57 -44.16
C ASN A 391 23.67 21.50 -43.43
N ARG A 392 23.61 21.09 -42.16
CA ARG A 392 24.79 20.90 -41.35
C ARG A 392 25.11 19.44 -41.05
N ALA A 393 24.24 18.52 -41.45
CA ALA A 393 24.43 17.11 -41.14
C ALA A 393 25.62 16.54 -41.89
N GLU A 394 26.29 15.57 -41.26
CA GLU A 394 27.42 14.88 -41.86
C GLU A 394 27.31 13.39 -41.55
N PHE A 395 27.67 12.56 -42.53
CA PHE A 395 27.66 11.12 -42.32
C PHE A 395 28.69 10.70 -41.26
N ARG A 396 28.43 9.55 -40.65
CA ARG A 396 29.34 9.02 -39.65
C ARG A 396 30.65 8.61 -40.31
N PRO A 397 31.79 9.12 -39.82
CA PRO A 397 33.07 8.78 -40.43
C PRO A 397 33.39 7.30 -40.28
N GLY A 398 34.10 6.76 -41.28
CA GLY A 398 34.48 5.36 -41.25
C GLY A 398 33.37 4.39 -41.58
N GLN A 399 32.20 4.88 -42.01
CA GLN A 399 31.06 4.03 -42.32
C GLN A 399 30.62 4.14 -43.77
N GLU A 400 31.52 4.54 -44.66
CA GLU A 400 31.16 4.69 -46.07
C GLU A 400 31.28 3.36 -46.82
N SER A 401 30.71 2.30 -46.24
CA SER A 401 30.64 1.01 -46.92
C SER A 401 29.21 0.48 -46.85
N VAL A 402 28.51 0.83 -45.78
CA VAL A 402 27.11 0.44 -45.58
C VAL A 402 26.23 1.36 -46.43
N PRO A 403 24.99 0.97 -46.72
CA PRO A 403 24.08 1.86 -47.46
C PRO A 403 23.89 3.20 -46.74
N ILE A 404 23.25 4.12 -47.47
CA ILE A 404 23.09 5.49 -46.98
C ILE A 404 22.24 5.51 -45.71
N MET A 405 21.15 4.74 -45.68
CA MET A 405 20.24 4.78 -44.54
C MET A 405 20.91 4.29 -43.26
N LYS A 406 21.83 3.32 -43.36
CA LYS A 406 22.48 2.79 -42.18
C LYS A 406 23.44 3.77 -41.54
N ARG A 407 23.93 4.76 -42.29
CA ARG A 407 24.88 5.73 -41.78
C ARG A 407 24.17 6.69 -40.82
N THR A 408 24.70 6.83 -39.61
CA THR A 408 24.10 7.68 -38.59
C THR A 408 24.70 9.07 -38.63
N VAL A 409 23.91 10.04 -38.15
CA VAL A 409 24.31 11.43 -38.08
C VAL A 409 24.01 11.96 -36.69
N VAL A 410 24.86 12.87 -36.21
CA VAL A 410 24.69 13.47 -34.90
C VAL A 410 24.01 14.84 -35.00
N GLY A 411 23.32 15.12 -36.11
CA GLY A 411 22.62 16.36 -36.30
C GLY A 411 21.12 16.20 -36.26
N ASP A 412 20.43 17.19 -36.82
CA ASP A 412 18.97 17.16 -36.85
C ASP A 412 18.48 16.06 -37.79
N ALA A 413 17.35 15.44 -37.41
CA ALA A 413 16.81 14.34 -38.19
C ALA A 413 16.38 14.80 -39.58
N SER A 414 15.71 15.95 -39.67
CA SER A 414 15.37 16.51 -40.97
C SER A 414 16.63 16.86 -41.75
N GLU A 415 17.63 17.44 -41.07
CA GLU A 415 18.91 17.70 -41.72
C GLU A 415 19.56 16.40 -42.18
N THR A 416 19.44 15.35 -41.39
CA THR A 416 19.99 14.05 -41.77
C THR A 416 19.34 13.53 -43.05
N ALA A 417 18.00 13.60 -43.12
CA ALA A 417 17.30 13.10 -44.30
C ALA A 417 17.62 13.93 -45.53
N LEU A 418 17.70 15.26 -45.38
CA LEU A 418 18.07 16.10 -46.51
C LEU A 418 19.50 15.81 -46.97
N LEU A 419 20.40 15.56 -46.02
CA LEU A 419 21.77 15.18 -46.38
C LEU A 419 21.78 13.88 -47.17
N LYS A 420 21.00 12.90 -46.72
CA LYS A 420 20.93 11.62 -47.43
C LYS A 420 20.38 11.81 -48.84
N PHE A 421 19.33 12.62 -48.98
CA PHE A 421 18.76 12.85 -50.30
C PHE A 421 19.74 13.55 -51.22
N SER A 422 20.45 14.57 -50.70
CA SER A 422 21.44 15.27 -51.51
C SER A 422 22.58 14.35 -51.91
N GLU A 423 22.99 13.45 -51.01
CA GLU A 423 24.07 12.53 -51.33
C GLU A 423 23.63 11.50 -52.36
N VAL A 424 22.38 11.05 -52.31
CA VAL A 424 21.95 10.03 -53.26
C VAL A 424 21.57 10.63 -54.62
N ILE A 425 21.21 11.91 -54.67
CA ILE A 425 20.80 12.54 -55.92
C ILE A 425 21.97 13.27 -56.58
N LEU A 426 22.85 13.88 -55.81
CA LEU A 426 24.01 14.59 -56.33
C LEU A 426 25.29 14.03 -55.72
N GLY A 427 26.39 14.73 -55.96
CA GLY A 427 27.69 14.31 -55.48
C GLY A 427 27.85 14.50 -53.99
N ASP A 428 29.11 14.52 -53.57
CA ASP A 428 29.43 14.62 -52.15
C ASP A 428 29.05 16.00 -51.61
N VAL A 429 28.32 15.99 -50.49
CA VAL A 429 27.97 17.25 -49.82
C VAL A 429 29.20 17.86 -49.15
N MET A 430 30.12 17.01 -48.67
CA MET A 430 31.32 17.51 -48.01
C MET A 430 32.16 18.36 -48.97
N GLY A 431 32.30 17.91 -50.22
CA GLY A 431 33.03 18.69 -51.19
C GLY A 431 32.35 20.02 -51.51
N ILE A 432 31.03 20.02 -51.59
CA ILE A 432 30.29 21.25 -51.84
C ILE A 432 30.49 22.23 -50.69
N ARG A 433 30.42 21.74 -49.45
CA ARG A 433 30.64 22.61 -48.30
C ARG A 433 32.08 23.10 -48.24
N LYS A 434 33.04 22.27 -48.63
CA LYS A 434 34.43 22.72 -48.68
C LYS A 434 34.62 23.83 -49.70
N ARG A 435 34.01 23.68 -50.88
CA ARG A 435 34.10 24.72 -51.90
C ARG A 435 33.41 26.00 -51.45
N ASN A 436 32.24 25.88 -50.82
CA ASN A 436 31.46 27.02 -50.37
C ASN A 436 31.90 27.38 -48.96
N HIS A 437 32.87 28.29 -48.87
CA HIS A 437 33.38 28.71 -47.56
C HIS A 437 32.28 29.40 -46.76
N LYS A 438 32.19 29.05 -45.49
CA LYS A 438 31.17 29.59 -44.59
C LYS A 438 31.84 30.46 -43.53
N VAL A 439 31.32 31.67 -43.34
CA VAL A 439 31.85 32.60 -42.35
C VAL A 439 31.06 32.54 -41.05
N ALA A 440 29.75 32.72 -41.13
CA ALA A 440 28.89 32.69 -39.95
C ALA A 440 27.63 31.88 -40.28
N GLU A 441 27.03 31.31 -39.24
CA GLU A 441 25.82 30.52 -39.40
C GLU A 441 25.03 30.53 -38.10
N ILE A 442 23.71 30.65 -38.22
CA ILE A 442 22.81 30.66 -37.08
C ILE A 442 22.18 29.27 -36.97
N PRO A 443 22.45 28.52 -35.90
CA PRO A 443 21.81 27.21 -35.74
C PRO A 443 20.30 27.33 -35.60
N PHE A 444 19.60 26.29 -36.02
CA PHE A 444 18.15 26.28 -35.96
C PHE A 444 17.68 26.39 -34.51
N ASN A 445 16.70 27.27 -34.27
CA ASN A 445 16.08 27.42 -32.97
C ASN A 445 14.57 27.50 -33.15
N SER A 446 13.85 27.05 -32.11
CA SER A 446 12.40 26.98 -32.20
C SER A 446 11.77 28.36 -32.32
N THR A 447 12.37 29.38 -31.70
CA THR A 447 11.80 30.72 -31.76
C THR A 447 11.82 31.26 -33.19
N ASN A 448 12.94 31.09 -33.90
CA ASN A 448 13.05 31.60 -35.26
C ASN A 448 12.28 30.76 -36.26
N LYS A 449 12.23 29.44 -36.06
CA LYS A 449 11.59 28.51 -36.99
C LYS A 449 12.26 28.50 -38.35
N PHE A 450 13.56 28.82 -38.39
CA PHE A 450 14.34 28.73 -39.62
C PHE A 450 15.81 28.58 -39.25
N GLN A 451 16.61 28.18 -40.24
CA GLN A 451 18.05 28.08 -40.09
C GLN A 451 18.70 29.10 -41.02
N LEU A 452 19.61 29.89 -40.47
CA LEU A 452 20.27 30.97 -41.20
C LEU A 452 21.75 30.65 -41.37
N SER A 453 22.26 30.85 -42.58
CA SER A 453 23.66 30.59 -42.89
C SER A 453 24.21 31.69 -43.78
N ILE A 454 25.50 31.97 -43.62
CA ILE A 454 26.22 32.94 -44.44
C ILE A 454 27.39 32.21 -45.08
N HIS A 455 27.43 32.21 -46.42
CA HIS A 455 28.44 31.45 -47.16
C HIS A 455 29.14 32.36 -48.16
N GLU A 456 30.39 32.02 -48.46
CA GLU A 456 31.16 32.71 -49.49
C GLU A 456 30.95 31.99 -50.81
N THR A 457 30.50 32.72 -51.83
CA THR A 457 30.20 32.12 -53.12
C THR A 457 31.45 32.01 -53.97
N GLU A 458 31.71 30.81 -54.47
CA GLU A 458 32.84 30.55 -55.37
C GLU A 458 32.45 30.58 -56.84
N ASP A 459 31.20 30.90 -57.15
CA ASP A 459 30.75 30.98 -58.53
C ASP A 459 31.39 32.18 -59.22
N PRO A 460 31.43 32.18 -60.55
CA PRO A 460 31.95 33.36 -61.27
C PRO A 460 31.22 34.65 -60.89
N ASN A 461 29.91 34.58 -60.67
CA ASN A 461 29.15 35.71 -60.14
C ASN A 461 29.39 35.75 -58.64
N ASN A 462 30.52 36.36 -58.26
CA ASN A 462 31.00 36.31 -56.88
C ASN A 462 30.23 37.33 -56.03
N LYS A 463 29.07 36.89 -55.54
CA LYS A 463 28.33 37.69 -54.57
C LYS A 463 28.98 37.65 -53.19
N ARG A 464 29.65 36.54 -52.86
CA ARG A 464 30.42 36.32 -51.64
C ARG A 464 29.56 36.23 -50.39
N PHE A 465 28.25 36.45 -50.48
CA PHE A 465 27.33 36.37 -49.34
C PHE A 465 26.04 35.73 -49.84
N LEU A 466 25.93 34.42 -49.69
CA LEU A 466 24.76 33.66 -50.11
C LEU A 466 23.95 33.31 -48.87
N VAL A 467 22.82 34.00 -48.69
CA VAL A 467 21.93 33.77 -47.57
C VAL A 467 20.95 32.66 -47.97
N VAL A 468 21.07 31.51 -47.33
CA VAL A 468 20.24 30.34 -47.61
C VAL A 468 19.50 29.97 -46.34
N MET A 469 18.18 29.85 -46.42
CA MET A 469 17.34 29.54 -45.27
C MET A 469 16.38 28.41 -45.59
N LYS A 470 16.03 27.66 -44.56
CA LYS A 470 15.00 26.62 -44.65
C LYS A 470 14.26 26.55 -43.32
N GLY A 471 13.03 26.04 -43.38
CA GLY A 471 12.22 25.95 -42.18
C GLY A 471 10.74 25.75 -42.45
N ALA A 472 9.90 26.42 -41.68
CA ALA A 472 8.46 26.31 -41.84
C ALA A 472 8.04 26.87 -43.20
N PRO A 473 7.32 26.10 -44.03
CA PRO A 473 6.96 26.60 -45.35
C PRO A 473 6.13 27.88 -45.32
N GLU A 474 5.25 28.04 -44.34
CA GLU A 474 4.39 29.23 -44.31
C GLU A 474 5.20 30.48 -44.01
N ARG A 475 6.08 30.44 -43.01
CA ARG A 475 6.90 31.60 -42.69
C ARG A 475 7.85 31.93 -43.84
N ILE A 476 8.45 30.91 -44.45
CA ILE A 476 9.36 31.14 -45.56
C ILE A 476 8.62 31.78 -46.73
N LEU A 477 7.42 31.28 -47.05
CA LEU A 477 6.63 31.87 -48.12
C LEU A 477 6.23 33.31 -47.80
N GLU A 478 5.87 33.58 -46.54
CA GLU A 478 5.52 34.93 -46.15
C GLU A 478 6.72 35.87 -46.23
N LYS A 479 7.93 35.34 -46.02
CA LYS A 479 9.15 36.13 -46.13
C LYS A 479 9.65 36.24 -47.57
N CYS A 480 9.01 35.56 -48.52
CA CYS A 480 9.41 35.59 -49.92
C CYS A 480 8.39 36.39 -50.72
N SER A 481 8.89 37.34 -51.52
CA SER A 481 8.04 38.15 -52.39
C SER A 481 8.12 37.73 -53.85
N THR A 482 8.91 36.71 -54.17
CA THR A 482 9.05 36.25 -55.54
C THR A 482 9.34 34.75 -55.53
N ILE A 483 9.07 34.12 -56.67
CA ILE A 483 9.27 32.68 -56.83
C ILE A 483 9.92 32.45 -58.19
N MET A 484 10.92 31.57 -58.22
CA MET A 484 11.58 31.21 -59.47
C MET A 484 10.83 30.07 -60.15
N ILE A 485 10.40 30.31 -61.38
CA ILE A 485 9.72 29.31 -62.19
C ILE A 485 10.44 29.22 -63.53
N ASN A 486 10.78 27.99 -63.93
CA ASN A 486 11.58 27.75 -65.14
C ASN A 486 12.93 28.44 -65.06
N GLY A 487 13.46 28.59 -63.84
CA GLY A 487 14.75 29.23 -63.65
C GLY A 487 14.75 30.74 -63.79
N GLN A 488 13.59 31.37 -63.77
CA GLN A 488 13.48 32.82 -63.91
C GLN A 488 12.69 33.40 -62.76
N GLU A 489 13.23 34.44 -62.13
CA GLU A 489 12.53 35.13 -61.05
C GLU A 489 11.38 35.94 -61.60
N GLN A 490 10.28 36.00 -60.85
CA GLN A 490 9.11 36.78 -61.23
C GLN A 490 8.31 37.08 -59.98
N PRO A 491 7.56 38.19 -59.95
CA PRO A 491 6.78 38.52 -58.75
C PRO A 491 5.74 37.45 -58.45
N LEU A 492 5.47 37.26 -57.16
CA LEU A 492 4.52 36.25 -56.72
C LEU A 492 3.12 36.57 -57.21
N ASP A 493 2.49 35.62 -57.89
CA ASP A 493 1.15 35.77 -58.42
C ASP A 493 0.21 34.78 -57.75
N LYS A 494 -1.10 35.04 -57.89
CA LYS A 494 -2.10 34.20 -57.24
C LYS A 494 -2.11 32.79 -57.81
N SER A 495 -1.70 32.61 -59.08
CA SER A 495 -1.63 31.27 -59.65
C SER A 495 -0.59 30.42 -58.93
N SER A 496 0.58 31.01 -58.66
CA SER A 496 1.61 30.28 -57.91
C SER A 496 1.15 29.95 -56.51
N ALA A 497 0.45 30.88 -55.86
CA ALA A 497 -0.07 30.62 -54.52
C ALA A 497 -1.08 29.49 -54.53
N ASP A 498 -1.98 29.47 -55.52
CA ASP A 498 -2.97 28.41 -55.63
C ASP A 498 -2.29 27.06 -55.87
N SER A 499 -1.30 27.02 -56.77
CA SER A 499 -0.60 25.77 -57.02
C SER A 499 0.13 25.28 -55.78
N PHE A 500 0.80 26.20 -55.07
CA PHE A 500 1.48 25.84 -53.83
C PHE A 500 0.50 25.30 -52.80
N HIS A 501 -0.65 25.94 -52.66
CA HIS A 501 -1.63 25.51 -51.66
C HIS A 501 -2.21 24.14 -52.00
N THR A 502 -2.56 23.91 -53.27
CA THR A 502 -3.13 22.61 -53.62
C THR A 502 -2.09 21.50 -53.51
N ALA A 503 -0.84 21.78 -53.88
CA ALA A 503 0.21 20.79 -53.70
C ALA A 503 0.44 20.51 -52.21
N TYR A 504 0.35 21.55 -51.38
CA TYR A 504 0.55 21.36 -49.94
C TYR A 504 -0.57 20.52 -49.34
N MET A 505 -1.81 20.75 -49.76
CA MET A 505 -2.91 19.89 -49.30
C MET A 505 -2.73 18.46 -49.77
N GLU A 506 -2.28 18.26 -51.02
CA GLU A 506 -2.04 16.90 -51.50
C GLU A 506 -0.97 16.20 -50.68
N LEU A 507 0.11 16.92 -50.36
CA LEU A 507 1.17 16.34 -49.53
C LEU A 507 0.68 16.04 -48.12
N GLY A 508 -0.09 16.95 -47.53
CA GLY A 508 -0.55 16.77 -46.17
C GLY A 508 -1.62 15.70 -46.03
N GLY A 509 -2.36 15.41 -47.10
CA GLY A 509 -3.36 14.36 -47.03
C GLY A 509 -2.79 12.99 -46.76
N LEU A 510 -1.51 12.77 -47.07
CA LEU A 510 -0.85 11.51 -46.80
C LEU A 510 -0.14 11.49 -45.46
N GLY A 511 -0.25 12.55 -44.67
CA GLY A 511 0.41 12.60 -43.38
C GLY A 511 1.90 12.83 -43.46
N GLU A 512 2.39 13.39 -44.55
CA GLU A 512 3.82 13.60 -44.76
C GLU A 512 4.23 14.99 -44.30
N ARG A 513 5.50 15.12 -43.91
CA ARG A 513 6.07 16.38 -43.48
C ARG A 513 6.61 17.15 -44.70
N VAL A 514 6.41 18.46 -44.71
CA VAL A 514 6.79 19.30 -45.82
C VAL A 514 7.75 20.38 -45.33
N LEU A 515 8.83 20.60 -46.09
CA LEU A 515 9.82 21.61 -45.77
C LEU A 515 9.96 22.58 -46.95
N GLY A 516 10.35 23.81 -46.64
CA GLY A 516 10.57 24.85 -47.64
C GLY A 516 12.04 25.20 -47.75
N PHE A 517 12.47 25.54 -48.96
CA PHE A 517 13.87 25.86 -49.24
C PHE A 517 13.96 27.05 -50.18
N CYS A 518 14.84 28.00 -49.86
CA CYS A 518 14.99 29.20 -50.65
C CYS A 518 16.43 29.69 -50.56
N HIS A 519 16.77 30.63 -51.43
CA HIS A 519 18.09 31.24 -51.44
C HIS A 519 17.99 32.67 -51.97
N LEU A 520 19.02 33.47 -51.69
CA LEU A 520 19.09 34.83 -52.20
C LEU A 520 20.55 35.26 -52.25
N TYR A 521 20.89 36.02 -53.29
CA TYR A 521 22.24 36.55 -53.47
C TYR A 521 22.29 37.98 -52.93
N LEU A 522 23.11 38.21 -51.92
CA LEU A 522 23.26 39.55 -51.38
C LEU A 522 24.00 40.43 -52.36
N PRO A 523 23.59 41.69 -52.53
CA PRO A 523 24.28 42.59 -53.46
C PRO A 523 25.69 42.89 -52.99
N ALA A 524 26.59 43.09 -53.96
CA ALA A 524 27.98 43.40 -53.64
C ALA A 524 28.16 44.84 -53.16
N GLU A 525 27.30 45.75 -53.62
CA GLU A 525 27.42 47.15 -53.21
C GLU A 525 27.12 47.32 -51.73
N GLN A 526 26.11 46.61 -51.22
CA GLN A 526 25.73 46.76 -49.82
C GLN A 526 26.82 46.25 -48.88
N PHE A 527 27.45 45.13 -49.23
CA PHE A 527 28.45 44.51 -48.37
C PHE A 527 29.76 44.33 -49.13
N PRO A 528 30.84 44.99 -48.73
CA PRO A 528 32.14 44.75 -49.38
C PRO A 528 32.68 43.37 -49.05
N GLN A 529 33.85 43.03 -49.62
CA GLN A 529 34.43 41.72 -49.35
C GLN A 529 34.78 41.55 -47.87
N SER A 530 35.34 42.59 -47.25
CA SER A 530 35.69 42.57 -45.83
C SER A 530 34.56 43.26 -45.06
N TYR A 531 33.68 42.44 -44.47
CA TYR A 531 32.55 42.94 -43.71
C TYR A 531 32.46 42.19 -42.38
N ILE A 532 32.11 42.91 -41.33
CA ILE A 532 31.96 42.34 -39.99
C ILE A 532 30.47 42.12 -39.75
N PHE A 533 30.09 40.86 -39.51
CA PHE A 533 28.70 40.51 -39.28
C PHE A 533 28.47 40.32 -37.78
N ASP A 534 27.39 40.92 -37.29
CA ASP A 534 27.01 40.83 -35.88
C ASP A 534 25.63 40.19 -35.78
N VAL A 535 25.48 39.30 -34.79
CA VAL A 535 24.20 38.62 -34.59
C VAL A 535 23.11 39.63 -34.24
N ASP A 536 23.41 40.56 -33.33
CA ASP A 536 22.42 41.56 -32.95
C ASP A 536 22.09 42.48 -34.12
N SER A 537 23.10 42.87 -34.90
CA SER A 537 22.88 43.78 -36.02
C SER A 537 22.07 43.09 -37.11
N VAL A 538 21.10 43.81 -37.67
CA VAL A 538 20.27 43.27 -38.74
C VAL A 538 21.10 43.00 -39.98
N ASN A 539 21.91 43.97 -40.38
CA ASN A 539 22.79 43.86 -41.54
C ASN A 539 22.02 43.47 -42.80
N PHE A 540 22.14 42.20 -43.20
CA PHE A 540 21.45 41.73 -44.39
C PHE A 540 19.94 41.66 -44.15
N PRO A 541 19.13 42.10 -45.12
CA PRO A 541 17.68 41.96 -44.98
C PRO A 541 17.25 40.50 -45.01
N THR A 542 16.15 40.21 -44.31
CA THR A 542 15.59 38.87 -44.25
C THR A 542 14.31 38.74 -45.07
N SER A 543 14.00 39.71 -45.91
CA SER A 543 12.77 39.72 -46.70
C SER A 543 13.11 39.79 -48.18
N ASN A 544 12.04 39.71 -49.00
CA ASN A 544 12.14 39.78 -50.45
C ASN A 544 13.03 38.68 -51.02
N PHE A 545 12.92 37.48 -50.44
CA PHE A 545 13.66 36.33 -50.93
C PHE A 545 12.91 35.68 -52.09
N CYS A 546 13.51 34.64 -52.67
CA CYS A 546 12.97 33.96 -53.83
C CYS A 546 12.50 32.56 -53.44
N PHE A 547 11.23 32.29 -53.66
CA PHE A 547 10.66 30.98 -53.37
C PHE A 547 11.06 29.98 -54.45
N VAL A 548 11.22 28.72 -54.04
CA VAL A 548 11.67 27.68 -54.96
C VAL A 548 10.63 26.56 -55.03
N GLY A 549 10.39 25.90 -53.91
CA GLY A 549 9.46 24.78 -53.92
C GLY A 549 9.40 24.11 -52.56
N LEU A 550 8.79 22.93 -52.55
CA LEU A 550 8.57 22.16 -51.33
C LEU A 550 9.12 20.75 -51.49
N LEU A 551 9.45 20.14 -50.35
CA LEU A 551 9.91 18.75 -50.30
C LEU A 551 9.09 18.01 -49.25
N SER A 552 8.62 16.82 -49.60
CA SER A 552 7.77 16.03 -48.72
C SER A 552 8.58 14.97 -48.00
N MET A 553 8.15 14.64 -46.78
CA MET A 553 8.91 13.78 -45.89
C MET A 553 7.98 12.77 -45.24
N ILE A 554 8.28 11.48 -45.40
CA ILE A 554 7.45 10.42 -44.83
C ILE A 554 7.83 10.21 -43.38
N ASP A 555 6.82 10.24 -42.49
CA ASP A 555 7.01 10.01 -41.06
C ASP A 555 6.00 8.98 -40.60
N PRO A 556 6.29 7.69 -40.78
CA PRO A 556 5.32 6.67 -40.41
C PRO A 556 5.19 6.57 -38.90
N PRO A 557 4.00 6.20 -38.41
CA PRO A 557 3.81 6.10 -36.95
C PRO A 557 4.22 4.73 -36.41
N ARG A 558 4.10 4.54 -35.10
CA ARG A 558 4.39 3.26 -34.49
C ARG A 558 3.20 2.31 -34.64
N SER A 559 3.48 1.02 -34.54
CA SER A 559 2.46 0.01 -34.78
C SER A 559 1.46 -0.07 -33.64
N THR A 560 1.93 -0.01 -32.40
CA THR A 560 1.09 -0.20 -31.22
C THR A 560 0.51 1.08 -30.66
N VAL A 561 0.90 2.24 -31.20
CA VAL A 561 0.40 3.51 -30.68
C VAL A 561 -1.11 3.64 -30.80
N PRO A 562 -1.75 3.26 -31.91
CA PRO A 562 -3.22 3.35 -31.98
C PRO A 562 -3.94 2.58 -30.88
N ASP A 563 -3.46 1.38 -30.53
CA ASP A 563 -4.06 0.63 -29.44
C ASP A 563 -3.90 1.35 -28.11
N ALA A 564 -2.72 1.95 -27.89
CA ALA A 564 -2.49 2.71 -26.67
C ALA A 564 -3.43 3.92 -26.59
N VAL A 565 -3.63 4.61 -27.71
CA VAL A 565 -4.54 5.75 -27.74
C VAL A 565 -5.97 5.30 -27.45
N SER A 566 -6.38 4.18 -28.06
CA SER A 566 -7.73 3.67 -27.80
C SER A 566 -7.91 3.31 -26.33
N LYS A 567 -6.89 2.68 -25.73
CA LYS A 567 -6.96 2.35 -24.31
C LYS A 567 -7.03 3.61 -23.45
N CYS A 568 -6.23 4.63 -23.78
CA CYS A 568 -6.23 5.87 -23.00
C CYS A 568 -7.57 6.57 -23.08
N ARG A 569 -8.18 6.61 -24.27
CA ARG A 569 -9.49 7.22 -24.40
C ARG A 569 -10.58 6.35 -23.77
N SER A 570 -10.32 5.06 -23.63
CA SER A 570 -11.26 4.20 -22.91
C SER A 570 -11.17 4.41 -21.40
N ALA A 571 -10.03 4.88 -20.92
CA ALA A 571 -9.81 5.11 -19.50
C ALA A 571 -10.13 6.53 -19.06
N GLY A 572 -10.66 7.35 -19.95
CA GLY A 572 -11.04 8.71 -19.60
C GLY A 572 -9.90 9.70 -19.54
N ILE A 573 -8.81 9.44 -20.24
CA ILE A 573 -7.66 10.34 -20.28
C ILE A 573 -7.71 11.14 -21.57
N LYS A 574 -7.60 12.46 -21.45
CA LYS A 574 -7.67 13.35 -22.60
C LYS A 574 -6.29 13.49 -23.23
N VAL A 575 -6.12 12.98 -24.44
CA VAL A 575 -4.84 13.02 -25.14
C VAL A 575 -4.79 14.29 -25.98
N ILE A 576 -3.78 15.12 -25.75
CA ILE A 576 -3.59 16.37 -26.45
C ILE A 576 -2.27 16.31 -27.21
N MET A 577 -2.33 16.49 -28.53
CA MET A 577 -1.15 16.47 -29.38
C MET A 577 -0.63 17.90 -29.51
N VAL A 578 0.56 18.14 -28.97
CA VAL A 578 1.20 19.45 -29.02
C VAL A 578 2.48 19.29 -29.82
N THR A 579 2.46 19.71 -31.08
CA THR A 579 3.59 19.56 -31.98
C THR A 579 3.87 20.90 -32.67
N GLY A 580 5.08 20.99 -33.23
CA GLY A 580 5.51 22.14 -34.00
C GLY A 580 5.31 22.04 -35.49
N ASP A 581 4.59 21.01 -35.95
CA ASP A 581 4.33 20.80 -37.37
C ASP A 581 3.11 21.62 -37.79
N HIS A 582 2.88 21.68 -39.10
CA HIS A 582 1.76 22.44 -39.63
C HIS A 582 0.43 21.76 -39.26
N PRO A 583 -0.65 22.53 -39.12
CA PRO A 583 -1.94 21.93 -38.73
C PRO A 583 -2.44 20.84 -39.65
N ILE A 584 -2.19 20.93 -40.96
CA ILE A 584 -2.75 19.95 -41.90
C ILE A 584 -2.17 18.57 -41.63
N THR A 585 -0.84 18.48 -41.57
CA THR A 585 -0.20 17.19 -41.32
C THR A 585 -0.52 16.66 -39.92
N ALA A 586 -0.56 17.57 -38.93
CA ALA A 586 -0.90 17.15 -37.58
C ALA A 586 -2.30 16.56 -37.52
N LYS A 587 -3.26 17.22 -38.16
CA LYS A 587 -4.63 16.70 -38.18
C LYS A 587 -4.71 15.37 -38.92
N ALA A 588 -3.99 15.24 -40.05
CA ALA A 588 -4.00 13.98 -40.77
C ALA A 588 -3.44 12.84 -39.92
N ILE A 589 -2.32 13.10 -39.23
CA ILE A 589 -1.72 12.07 -38.38
C ILE A 589 -2.65 11.72 -37.22
N ALA A 590 -3.26 12.73 -36.60
CA ALA A 590 -4.20 12.49 -35.51
C ALA A 590 -5.38 11.64 -35.96
N LYS A 591 -5.92 11.94 -37.14
CA LYS A 591 -7.00 11.13 -37.68
C LYS A 591 -6.53 9.70 -37.95
N SER A 592 -5.31 9.54 -38.48
CA SER A 592 -4.81 8.21 -38.78
C SER A 592 -4.61 7.38 -37.52
N VAL A 593 -4.11 7.99 -36.45
CA VAL A 593 -3.79 7.22 -35.25
C VAL A 593 -4.99 7.10 -34.29
N GLY A 594 -5.80 8.14 -34.15
CA GLY A 594 -6.94 8.07 -33.27
C GLY A 594 -7.04 9.19 -32.26
N ILE A 595 -6.15 10.18 -32.34
CA ILE A 595 -6.27 11.35 -31.48
C ILE A 595 -7.56 12.08 -31.79
N ILE A 596 -7.89 12.21 -33.08
CA ILE A 596 -9.20 12.69 -33.52
C ILE A 596 -10.01 11.46 -33.91
N SER A 597 -11.12 11.24 -33.20
CA SER A 597 -11.88 10.02 -33.36
C SER A 597 -12.61 10.00 -34.71
N ALA A 598 -13.11 8.83 -35.07
CA ALA A 598 -13.87 8.68 -36.31
C ALA A 598 -15.16 9.48 -36.23
N ASN A 599 -15.54 10.09 -37.35
CA ASN A 599 -16.71 10.93 -37.52
C ASN A 599 -16.62 12.22 -36.70
N ASN A 600 -15.46 12.51 -36.10
CA ASN A 600 -15.25 13.77 -35.38
C ASN A 600 -14.61 14.78 -36.31
N GLU A 601 -15.18 15.98 -36.36
CA GLU A 601 -14.74 17.00 -37.29
C GLU A 601 -14.60 18.34 -36.58
N THR A 602 -13.72 19.18 -37.11
CA THR A 602 -13.48 20.51 -36.57
C THR A 602 -14.41 21.51 -37.24
N VAL A 603 -14.23 22.79 -36.92
CA VAL A 603 -15.10 23.84 -37.45
C VAL A 603 -14.88 23.99 -38.96
N GLU A 604 -13.64 23.88 -39.42
CA GLU A 604 -13.37 24.03 -40.85
C GLU A 604 -13.98 22.88 -41.65
N ASP A 605 -13.93 21.66 -41.12
CA ASP A 605 -14.57 20.54 -41.80
C ASP A 605 -16.07 20.73 -41.87
N ILE A 606 -16.68 21.21 -40.78
CA ILE A 606 -18.12 21.44 -40.76
C ILE A 606 -18.49 22.51 -41.79
N ALA A 607 -17.71 23.59 -41.85
CA ALA A 607 -17.98 24.64 -42.82
C ALA A 607 -17.83 24.13 -44.25
N LYS A 608 -16.82 23.30 -44.49
CA LYS A 608 -16.63 22.76 -45.83
C LYS A 608 -17.77 21.83 -46.23
N ARG A 609 -18.22 20.97 -45.32
CA ARG A 609 -19.26 20.01 -45.67
C ARG A 609 -20.65 20.64 -45.73
N ARG A 610 -20.94 21.66 -44.93
CA ARG A 610 -22.20 22.37 -45.02
C ARG A 610 -22.18 23.57 -45.96
N ASN A 611 -21.01 23.93 -46.49
CA ASN A 611 -20.87 25.06 -47.41
C ASN A 611 -21.42 26.35 -46.81
N ILE A 612 -21.04 26.62 -45.56
CA ILE A 612 -21.47 27.81 -44.85
C ILE A 612 -20.25 28.53 -44.30
N ALA A 613 -20.46 29.80 -43.93
CA ALA A 613 -19.37 30.62 -43.41
C ALA A 613 -18.84 30.06 -42.10
N VAL A 614 -17.53 30.21 -41.89
CA VAL A 614 -16.89 29.68 -40.69
C VAL A 614 -17.45 30.36 -39.45
N GLU A 615 -17.59 31.68 -39.48
CA GLU A 615 -18.13 32.41 -38.34
C GLU A 615 -19.59 32.05 -38.08
N GLN A 616 -20.34 31.74 -39.13
CA GLN A 616 -21.74 31.37 -38.97
C GLN A 616 -21.90 30.05 -38.22
N VAL A 617 -20.88 29.19 -38.27
CA VAL A 617 -20.95 27.90 -37.59
C VAL A 617 -20.76 28.11 -36.09
N ASN A 618 -21.65 27.51 -35.31
CA ASN A 618 -21.51 27.55 -33.86
C ASN A 618 -20.38 26.63 -33.42
N LYS A 619 -19.73 26.99 -32.30
CA LYS A 619 -18.56 26.26 -31.84
C LYS A 619 -18.93 24.94 -31.17
N ARG A 620 -20.19 24.76 -30.76
CA ARG A 620 -20.55 23.60 -29.95
C ARG A 620 -20.60 22.31 -30.76
N GLU A 621 -20.97 22.39 -32.04
CA GLU A 621 -21.09 21.18 -32.84
C GLU A 621 -19.75 20.50 -33.10
N ALA A 622 -18.65 21.23 -33.02
CA ALA A 622 -17.33 20.68 -33.23
C ALA A 622 -16.82 20.05 -31.94
N LYS A 623 -16.57 18.74 -31.97
CA LYS A 623 -16.03 18.04 -30.81
C LYS A 623 -14.51 18.02 -30.79
N ALA A 624 -13.87 18.38 -31.90
CA ALA A 624 -12.42 18.39 -31.99
C ALA A 624 -11.97 19.75 -32.51
N ALA A 625 -10.74 20.14 -32.16
CA ALA A 625 -10.18 21.40 -32.58
C ALA A 625 -8.71 21.22 -32.94
N VAL A 626 -8.25 22.05 -33.88
CA VAL A 626 -6.84 22.11 -34.28
C VAL A 626 -6.43 23.56 -34.14
N VAL A 627 -5.63 23.86 -33.11
CA VAL A 627 -5.27 25.24 -32.76
C VAL A 627 -3.85 25.51 -33.24
N THR A 628 -3.67 26.62 -33.94
CA THR A 628 -2.36 27.02 -34.40
C THR A 628 -1.57 27.67 -33.27
N GLY A 629 -0.26 27.82 -33.49
CA GLY A 629 0.59 28.41 -32.47
C GLY A 629 0.31 29.88 -32.23
N MET A 630 0.08 30.64 -33.31
CA MET A 630 -0.14 32.07 -33.16
C MET A 630 -1.45 32.37 -32.43
N GLU A 631 -2.50 31.60 -32.73
CA GLU A 631 -3.78 31.80 -32.05
C GLU A 631 -3.66 31.57 -30.55
N LEU A 632 -2.91 30.54 -30.15
CA LEU A 632 -2.67 30.31 -28.73
C LEU A 632 -1.78 31.38 -28.13
N LYS A 633 -0.82 31.89 -28.90
CA LYS A 633 0.07 32.94 -28.42
C LYS A 633 -0.70 34.21 -28.11
N ASP A 634 -1.64 34.58 -28.98
CA ASP A 634 -2.46 35.77 -28.78
C ASP A 634 -3.75 35.47 -28.04
N MET A 635 -3.74 34.49 -27.14
CA MET A 635 -4.96 34.01 -26.49
C MET A 635 -4.86 34.22 -24.99
N THR A 636 -5.89 34.81 -24.40
CA THR A 636 -5.88 35.10 -22.97
C THR A 636 -6.10 33.82 -22.16
N PRO A 637 -5.62 33.78 -20.92
CA PRO A 637 -5.81 32.57 -20.09
C PRO A 637 -7.26 32.13 -19.95
N GLU A 638 -8.21 33.07 -19.82
CA GLU A 638 -9.61 32.69 -19.73
C GLU A 638 -10.08 31.99 -21.01
N GLN A 639 -9.68 32.52 -22.16
CA GLN A 639 -10.03 31.90 -23.44
C GLN A 639 -9.43 30.51 -23.55
N LEU A 640 -8.18 30.34 -23.10
CA LEU A 640 -7.55 29.02 -23.12
C LEU A 640 -8.28 28.04 -22.22
N ASP A 641 -8.69 28.50 -21.03
CA ASP A 641 -9.45 27.64 -20.12
C ASP A 641 -10.76 27.22 -20.76
N GLU A 642 -11.45 28.15 -21.40
CA GLU A 642 -12.70 27.82 -22.09
C GLU A 642 -12.45 26.82 -23.21
N LEU A 643 -11.38 27.02 -23.99
CA LEU A 643 -11.06 26.11 -25.08
C LEU A 643 -10.80 24.70 -24.58
N LEU A 644 -10.01 24.57 -23.51
CA LEU A 644 -9.73 23.25 -22.95
C LEU A 644 -10.97 22.63 -22.33
N THR A 645 -11.87 23.45 -21.78
CA THR A 645 -13.05 22.91 -21.11
C THR A 645 -14.09 22.40 -22.10
N ASN A 646 -14.33 23.13 -23.19
CA ASN A 646 -15.45 22.82 -24.07
C ASN A 646 -15.09 21.92 -25.25
N TYR A 647 -13.86 21.41 -25.31
CA TYR A 647 -13.43 20.57 -26.42
C TYR A 647 -12.93 19.23 -25.91
N GLN A 648 -13.23 18.17 -26.66
CA GLN A 648 -12.81 16.81 -26.31
C GLN A 648 -11.38 16.53 -26.77
N GLU A 649 -11.14 16.62 -28.07
CA GLU A 649 -9.84 16.30 -28.66
C GLU A 649 -9.20 17.58 -29.17
N ILE A 650 -7.96 17.82 -28.73
CA ILE A 650 -7.24 19.05 -29.06
C ILE A 650 -5.91 18.68 -29.70
N VAL A 651 -5.60 19.31 -30.83
CA VAL A 651 -4.31 19.16 -31.49
C VAL A 651 -3.70 20.55 -31.62
N PHE A 652 -2.49 20.71 -31.06
CA PHE A 652 -1.76 21.97 -31.15
C PHE A 652 -0.67 21.85 -32.20
N ALA A 653 -0.57 22.85 -33.08
CA ALA A 653 0.37 22.83 -34.19
C ALA A 653 1.17 24.12 -34.22
N ARG A 654 2.41 24.00 -34.71
CA ARG A 654 3.34 25.12 -34.79
C ARG A 654 3.53 25.79 -33.44
N THR A 655 3.92 24.99 -32.45
CA THR A 655 4.01 25.44 -31.07
C THR A 655 5.46 25.69 -30.66
N SER A 656 5.63 26.57 -29.69
CA SER A 656 6.89 26.97 -29.09
C SER A 656 6.99 26.44 -27.66
N PRO A 657 8.21 26.36 -27.11
CA PRO A 657 8.34 25.89 -25.72
C PRO A 657 7.52 26.70 -24.72
N GLN A 658 7.47 28.03 -24.90
CA GLN A 658 6.63 28.85 -24.04
C GLN A 658 5.15 28.49 -24.22
N GLN A 659 4.75 28.21 -25.46
CA GLN A 659 3.38 27.79 -25.70
C GLN A 659 3.08 26.45 -25.03
N LYS A 660 4.04 25.52 -25.06
CA LYS A 660 3.87 24.26 -24.35
C LYS A 660 3.73 24.48 -22.85
N LEU A 661 4.54 25.39 -22.30
CA LEU A 661 4.42 25.72 -20.88
C LEU A 661 3.05 26.31 -20.56
N ILE A 662 2.53 27.17 -21.45
CA ILE A 662 1.22 27.75 -21.24
C ILE A 662 0.14 26.67 -21.27
N ILE A 663 0.24 25.74 -22.21
CA ILE A 663 -0.72 24.64 -22.28
C ILE A 663 -0.68 23.81 -21.01
N VAL A 664 0.53 23.49 -20.53
CA VAL A 664 0.67 22.67 -19.33
C VAL A 664 0.11 23.39 -18.12
N GLU A 665 0.40 24.69 -17.98
CA GLU A 665 -0.09 25.41 -16.81
C GLU A 665 -1.60 25.59 -16.86
N GLY A 666 -2.18 25.76 -18.05
CA GLY A 666 -3.64 25.80 -18.15
C GLY A 666 -4.28 24.49 -17.79
N CYS A 667 -3.71 23.38 -18.29
CA CYS A 667 -4.25 22.07 -17.94
C CYS A 667 -4.13 21.79 -16.46
N GLN A 668 -3.05 22.26 -15.83
CA GLN A 668 -2.94 22.20 -14.37
C GLN A 668 -4.00 23.06 -13.70
N ARG A 669 -4.25 24.26 -14.25
CA ARG A 669 -5.26 25.16 -13.71
C ARG A 669 -6.65 24.55 -13.80
N GLN A 670 -6.85 23.60 -14.71
CA GLN A 670 -8.11 22.85 -14.77
C GLN A 670 -8.18 21.75 -13.71
N ASP A 671 -7.27 21.78 -12.74
CA ASP A 671 -7.21 20.79 -11.65
C ASP A 671 -7.11 19.37 -12.19
N ALA A 672 -6.23 19.19 -13.18
CA ALA A 672 -6.01 17.90 -13.81
C ALA A 672 -4.54 17.54 -13.76
N ILE A 673 -4.26 16.26 -13.52
CA ILE A 673 -2.89 15.74 -13.53
C ILE A 673 -2.50 15.48 -14.97
N VAL A 674 -1.38 16.04 -15.40
CA VAL A 674 -0.96 15.98 -16.80
C VAL A 674 0.37 15.25 -16.90
N ALA A 675 0.50 14.40 -17.91
CA ALA A 675 1.74 13.73 -18.25
C ALA A 675 2.21 14.26 -19.60
N VAL A 676 3.42 14.80 -19.66
CA VAL A 676 3.96 15.44 -20.85
C VAL A 676 5.14 14.63 -21.34
N THR A 677 5.13 14.29 -22.63
CA THR A 677 6.19 13.52 -23.26
C THR A 677 7.01 14.44 -24.15
N GLY A 678 8.34 14.38 -24.00
CA GLY A 678 9.22 15.23 -24.79
C GLY A 678 10.61 14.67 -24.83
N ASP A 679 11.35 15.07 -25.87
CA ASP A 679 12.69 14.55 -26.09
C ASP A 679 13.72 15.66 -26.26
N GLY A 680 13.30 16.80 -26.83
CA GLY A 680 14.22 17.87 -27.11
C GLY A 680 14.39 18.83 -25.95
N VAL A 681 15.38 19.72 -26.09
CA VAL A 681 15.61 20.75 -25.10
C VAL A 681 14.44 21.73 -25.01
N ASN A 682 13.66 21.87 -26.08
CA ASN A 682 12.50 22.73 -26.06
C ASN A 682 11.44 22.24 -25.08
N ASP A 683 11.51 20.97 -24.68
CA ASP A 683 10.49 20.36 -23.84
C ASP A 683 10.77 20.52 -22.35
N SER A 684 11.95 21.05 -21.97
CA SER A 684 12.34 21.06 -20.57
C SER A 684 11.37 21.83 -19.67
N PRO A 685 10.93 23.05 -20.00
CA PRO A 685 9.95 23.71 -19.10
C PRO A 685 8.66 22.93 -18.94
N ALA A 686 8.16 22.32 -20.01
CA ALA A 686 6.96 21.50 -19.91
C ALA A 686 7.21 20.26 -19.07
N LEU A 687 8.40 19.64 -19.25
CA LEU A 687 8.74 18.45 -18.46
C LEU A 687 8.80 18.78 -16.98
N LYS A 688 9.37 19.94 -16.62
CA LYS A 688 9.48 20.32 -15.22
C LYS A 688 8.13 20.72 -14.64
N LYS A 689 7.33 21.46 -15.40
CA LYS A 689 6.06 21.96 -14.87
C LYS A 689 5.02 20.84 -14.76
N ALA A 690 5.07 19.86 -15.64
CA ALA A 690 4.09 18.78 -15.62
C ALA A 690 4.21 17.95 -14.35
N ASP A 691 3.08 17.37 -13.94
CA ASP A 691 3.07 16.51 -12.76
C ASP A 691 3.96 15.28 -12.97
N ILE A 692 3.90 14.69 -14.16
CA ILE A 692 4.73 13.54 -14.52
C ILE A 692 5.54 13.92 -15.76
N GLY A 693 6.84 13.67 -15.71
CA GLY A 693 7.72 13.95 -16.82
C GLY A 693 8.14 12.66 -17.50
N ILE A 694 7.97 12.63 -18.83
CA ILE A 694 8.25 11.45 -19.64
C ILE A 694 9.20 11.84 -20.76
N ALA A 695 10.27 11.05 -20.94
CA ALA A 695 11.25 11.29 -21.98
C ALA A 695 11.58 9.99 -22.69
N MET A 696 12.03 10.10 -23.93
CA MET A 696 12.38 8.94 -24.73
C MET A 696 13.78 8.45 -24.41
N GLY A 697 13.95 7.12 -24.38
CA GLY A 697 15.25 6.56 -24.08
C GLY A 697 16.28 6.80 -25.17
N ILE A 698 15.87 6.68 -26.43
CA ILE A 698 16.79 6.80 -27.55
C ILE A 698 16.73 8.21 -28.12
N ALA A 699 15.56 8.61 -28.62
CA ALA A 699 15.40 9.92 -29.23
C ALA A 699 15.50 11.06 -28.22
N GLY A 700 15.45 10.78 -26.92
CA GLY A 700 15.51 11.83 -25.93
C GLY A 700 16.91 12.39 -25.77
N SER A 701 16.97 13.62 -25.28
CA SER A 701 18.24 14.29 -25.00
C SER A 701 18.56 14.22 -23.52
N ASP A 702 19.80 14.57 -23.18
CA ASP A 702 20.24 14.49 -21.79
C ASP A 702 19.44 15.41 -20.89
N ALA A 703 19.15 16.63 -21.37
CA ALA A 703 18.33 17.55 -20.59
C ALA A 703 16.92 17.00 -20.37
N ALA A 704 16.35 16.40 -21.40
CA ALA A 704 15.03 15.79 -21.26
C ALA A 704 15.06 14.64 -20.27
N LYS A 705 16.10 13.81 -20.32
CA LYS A 705 16.22 12.70 -19.37
C LYS A 705 16.34 13.21 -17.94
N ASN A 706 17.13 14.27 -17.75
CA ASN A 706 17.30 14.83 -16.40
C ASN A 706 16.01 15.45 -15.90
N ALA A 707 15.29 16.16 -16.76
CA ALA A 707 14.08 16.85 -16.33
C ALA A 707 12.90 15.91 -16.13
N ALA A 708 12.86 14.81 -16.87
CA ALA A 708 11.71 13.91 -16.80
C ALA A 708 11.66 13.16 -15.49
N ASP A 709 10.43 12.88 -15.03
CA ASP A 709 10.21 12.04 -13.88
C ASP A 709 10.13 10.55 -14.23
N MET A 710 10.08 10.24 -15.52
CA MET A 710 10.04 8.86 -16.01
C MET A 710 10.68 8.82 -17.38
N VAL A 711 11.33 7.71 -17.70
CA VAL A 711 12.04 7.54 -18.96
C VAL A 711 11.54 6.27 -19.63
N LEU A 712 11.20 6.38 -20.91
CA LEU A 712 10.79 5.23 -21.72
C LEU A 712 11.99 4.77 -22.53
N LEU A 713 12.67 3.73 -22.06
CA LEU A 713 13.79 3.19 -22.80
C LEU A 713 13.37 2.33 -23.98
N ASP A 714 12.08 2.00 -24.08
CA ASP A 714 11.53 1.26 -25.21
C ASP A 714 10.87 2.16 -26.24
N ASP A 715 10.57 3.42 -25.89
CA ASP A 715 10.09 4.42 -26.83
C ASP A 715 8.77 4.00 -27.48
N ASN A 716 7.82 3.60 -26.65
CA ASN A 716 6.49 3.23 -27.11
C ASN A 716 5.44 3.94 -26.27
N PHE A 717 4.29 4.22 -26.89
CA PHE A 717 3.19 4.87 -26.18
C PHE A 717 2.48 3.92 -25.23
N ALA A 718 2.51 2.62 -25.52
CA ALA A 718 1.86 1.65 -24.63
C ALA A 718 2.49 1.61 -23.26
N SER A 719 3.73 2.08 -23.11
CA SER A 719 4.37 2.13 -21.81
C SER A 719 3.62 3.08 -20.88
N ILE A 720 3.11 4.19 -21.41
CA ILE A 720 2.32 5.12 -20.60
C ILE A 720 1.05 4.44 -20.12
N VAL A 721 0.40 3.67 -21.01
CA VAL A 721 -0.80 2.93 -20.62
C VAL A 721 -0.47 1.94 -19.51
N THR A 722 0.63 1.22 -19.65
CA THR A 722 1.03 0.27 -18.61
C THR A 722 1.31 0.97 -17.29
N GLY A 723 1.97 2.12 -17.33
CA GLY A 723 2.25 2.85 -16.10
C GLY A 723 0.99 3.34 -15.42
N VAL A 724 0.04 3.86 -16.20
CA VAL A 724 -1.24 4.28 -15.63
C VAL A 724 -1.96 3.09 -15.01
N GLU A 725 -1.91 1.93 -15.68
CA GLU A 725 -2.54 0.73 -15.13
C GLU A 725 -1.88 0.32 -13.81
N GLU A 726 -0.56 0.40 -13.74
CA GLU A 726 0.13 0.04 -12.50
C GLU A 726 -0.25 0.99 -11.36
N GLY A 727 -0.33 2.29 -11.65
CA GLY A 727 -0.75 3.23 -10.63
C GLY A 727 -2.16 2.97 -10.13
N ARG A 728 -3.08 2.69 -11.07
CA ARG A 728 -4.45 2.37 -10.68
C ARG A 728 -4.50 1.10 -9.85
N LEU A 729 -3.70 0.09 -10.22
CA LEU A 729 -3.63 -1.13 -9.42
C LEU A 729 -3.08 -0.87 -8.03
N ILE A 730 -2.09 0.02 -7.90
CA ILE A 730 -1.58 0.37 -6.58
C ILE A 730 -2.68 0.97 -5.73
N PHE A 731 -3.42 1.92 -6.30
CA PHE A 731 -4.51 2.54 -5.53
C PHE A 731 -5.55 1.50 -5.12
N ASP A 732 -5.94 0.62 -6.04
CA ASP A 732 -6.94 -0.39 -5.72
C ASP A 732 -6.45 -1.34 -4.64
N ASN A 733 -5.19 -1.78 -4.72
CA ASN A 733 -4.66 -2.71 -3.75
C ASN A 733 -4.54 -2.09 -2.37
N LEU A 734 -4.12 -0.82 -2.30
CA LEU A 734 -4.05 -0.14 -1.01
C LEU A 734 -5.44 0.01 -0.41
N LYS A 735 -6.44 0.35 -1.24
CA LYS A 735 -7.81 0.44 -0.75
C LYS A 735 -8.30 -0.90 -0.23
N LYS A 736 -8.00 -1.99 -0.95
CA LYS A 736 -8.40 -3.32 -0.51
C LYS A 736 -7.76 -3.68 0.81
N THR A 737 -6.46 -3.39 0.96
CA THR A 737 -5.76 -3.71 2.20
C THR A 737 -6.34 -2.94 3.38
N ILE A 738 -6.64 -1.65 3.18
CA ILE A 738 -7.23 -0.86 4.26
C ILE A 738 -8.60 -1.39 4.63
N ALA A 739 -9.40 -1.74 3.62
CA ALA A 739 -10.73 -2.28 3.89
C ALA A 739 -10.66 -3.58 4.67
N TYR A 740 -9.75 -4.47 4.30
CA TYR A 740 -9.58 -5.71 5.06
C TYR A 740 -9.11 -5.44 6.48
N THR A 741 -8.17 -4.50 6.64
CA THR A 741 -7.59 -4.25 7.96
C THR A 741 -8.65 -3.71 8.92
N LEU A 742 -9.50 -2.80 8.45
CA LEU A 742 -10.45 -2.16 9.35
C LEU A 742 -11.54 -3.10 9.85
N THR A 743 -11.69 -4.29 9.26
CA THR A 743 -12.81 -5.16 9.61
C THR A 743 -12.73 -5.67 11.04
N SER A 744 -11.53 -6.07 11.49
CA SER A 744 -11.41 -6.80 12.74
C SER A 744 -11.47 -5.91 13.98
N ASN A 745 -11.62 -4.59 13.81
CA ASN A 745 -11.66 -3.71 14.97
C ASN A 745 -12.88 -3.99 15.85
N ILE A 746 -14.04 -4.18 15.23
CA ILE A 746 -15.29 -4.40 15.96
C ILE A 746 -15.30 -5.74 16.68
N PRO A 747 -14.87 -6.85 16.05
CA PRO A 747 -14.88 -8.13 16.79
C PRO A 747 -14.03 -8.13 18.05
N GLU A 748 -13.10 -7.18 18.18
CA GLU A 748 -12.28 -7.10 19.38
C GLU A 748 -12.92 -6.18 20.42
N LEU A 749 -13.49 -5.06 19.98
CA LEU A 749 -14.05 -4.09 20.92
C LEU A 749 -15.40 -4.54 21.46
N CYS A 750 -16.22 -5.17 20.63
CA CYS A 750 -17.58 -5.51 21.04
C CYS A 750 -17.66 -6.43 22.26
N PRO A 751 -16.88 -7.52 22.36
CA PRO A 751 -17.04 -8.41 23.52
C PRO A 751 -16.86 -7.73 24.87
N PHE A 752 -15.94 -6.77 24.99
CA PHE A 752 -15.80 -6.06 26.25
C PHE A 752 -17.03 -5.21 26.56
N LEU A 753 -17.60 -4.59 25.53
CA LEU A 753 -18.82 -3.82 25.74
C LEU A 753 -19.97 -4.71 26.19
N ILE A 754 -20.09 -5.90 25.59
CA ILE A 754 -21.14 -6.83 26.00
C ILE A 754 -20.87 -7.34 27.42
N TYR A 755 -19.59 -7.54 27.75
CA TYR A 755 -19.22 -7.95 29.11
C TYR A 755 -19.63 -6.91 30.13
N ILE A 756 -19.41 -5.63 29.82
CA ILE A 756 -19.75 -4.56 30.76
C ILE A 756 -21.27 -4.39 30.85
N VAL A 757 -21.97 -4.41 29.73
CA VAL A 757 -23.39 -4.07 29.72
C VAL A 757 -24.24 -5.27 30.13
N ALA A 758 -24.17 -6.36 29.36
CA ALA A 758 -25.06 -7.49 29.58
C ALA A 758 -24.62 -8.40 30.72
N GLY A 759 -23.37 -8.30 31.16
CA GLY A 759 -22.91 -9.08 32.28
C GLY A 759 -22.51 -10.51 31.97
N LEU A 760 -22.35 -10.85 30.69
CA LEU A 760 -21.86 -12.17 30.34
C LEU A 760 -20.41 -12.36 30.81
N PRO A 761 -20.00 -13.58 31.09
CA PRO A 761 -18.58 -13.84 31.34
C PRO A 761 -17.74 -13.43 30.15
N LEU A 762 -16.53 -12.92 30.44
CA LEU A 762 -15.65 -12.29 29.46
C LEU A 762 -15.48 -13.16 28.22
N PRO A 763 -16.02 -12.72 27.08
CA PRO A 763 -15.90 -13.55 25.86
C PRO A 763 -14.49 -13.61 25.31
N ILE A 764 -13.70 -12.56 25.50
CA ILE A 764 -12.36 -12.48 24.94
C ILE A 764 -11.47 -11.73 25.91
N GLY A 765 -10.20 -12.15 26.00
CA GLY A 765 -9.25 -11.52 26.89
C GLY A 765 -8.23 -10.68 26.15
N THR A 766 -7.36 -10.05 26.94
CA THR A 766 -6.29 -9.22 26.37
C THR A 766 -5.38 -10.05 25.47
N ILE A 767 -4.97 -11.22 25.96
CA ILE A 767 -4.07 -12.09 25.20
C ILE A 767 -4.73 -12.53 23.90
N THR A 768 -6.01 -12.88 23.95
CA THR A 768 -6.69 -13.35 22.75
C THR A 768 -6.83 -12.23 21.72
N ILE A 769 -7.12 -11.01 22.17
CA ILE A 769 -7.18 -9.87 21.25
C ILE A 769 -5.83 -9.64 20.59
N LEU A 770 -4.76 -9.68 21.39
CA LEU A 770 -3.42 -9.49 20.84
C LEU A 770 -3.10 -10.57 19.81
N PHE A 771 -3.46 -11.82 20.10
CA PHE A 771 -3.14 -12.90 19.18
C PHE A 771 -3.98 -12.82 17.90
N ILE A 772 -5.24 -12.40 18.01
CA ILE A 772 -6.03 -12.17 16.80
C ILE A 772 -5.37 -11.11 15.94
N ASP A 773 -4.93 -10.01 16.57
CA ASP A 773 -4.23 -8.97 15.81
C ASP A 773 -2.99 -9.54 15.11
N LEU A 774 -2.12 -10.20 15.87
CA LEU A 774 -0.82 -10.59 15.36
C LEU A 774 -0.86 -11.86 14.52
N GLY A 775 -2.02 -12.52 14.41
CA GLY A 775 -2.10 -13.69 13.57
C GLY A 775 -3.08 -13.56 12.43
N THR A 776 -3.94 -12.54 12.45
CA THR A 776 -4.94 -12.37 11.42
C THR A 776 -4.83 -11.07 10.65
N ASP A 777 -4.03 -10.10 11.11
CA ASP A 777 -4.03 -8.78 10.50
C ASP A 777 -2.61 -8.30 10.18
N ILE A 778 -1.70 -9.22 9.87
CA ILE A 778 -0.37 -8.82 9.44
C ILE A 778 -0.05 -9.44 8.09
N ILE A 779 0.00 -10.77 8.03
CA ILE A 779 0.35 -11.48 6.81
C ILE A 779 -0.72 -11.32 5.73
N PRO A 780 -2.02 -11.49 6.03
CA PRO A 780 -3.03 -11.27 4.97
C PRO A 780 -3.04 -9.85 4.41
N SER A 781 -2.76 -8.84 5.24
CA SER A 781 -2.69 -7.48 4.74
C SER A 781 -1.57 -7.33 3.71
N ILE A 782 -0.42 -7.95 3.98
CA ILE A 782 0.67 -7.96 3.00
C ILE A 782 0.26 -8.77 1.77
N ALA A 783 -0.44 -9.88 1.98
CA ALA A 783 -0.84 -10.75 0.87
C ALA A 783 -1.78 -10.06 -0.09
N LEU A 784 -2.63 -9.16 0.41
CA LEU A 784 -3.50 -8.39 -0.47
C LEU A 784 -2.74 -7.41 -1.36
N ALA A 785 -1.47 -7.13 -1.05
CA ALA A 785 -0.65 -6.28 -1.89
C ALA A 785 -0.16 -6.98 -3.15
N TYR A 786 -0.27 -8.31 -3.20
CA TYR A 786 0.13 -9.08 -4.37
C TYR A 786 -1.03 -9.36 -5.31
N GLU A 787 -2.21 -8.82 -5.03
CA GLU A 787 -3.38 -9.08 -5.85
C GLU A 787 -3.23 -8.43 -7.22
N LYS A 788 -3.72 -9.12 -8.24
CA LYS A 788 -3.62 -8.63 -9.61
C LYS A 788 -4.75 -7.64 -9.91
N ALA A 789 -4.63 -6.96 -11.04
CA ALA A 789 -5.65 -6.01 -11.46
C ALA A 789 -6.87 -6.75 -12.00
N GLU A 790 -8.04 -6.15 -11.77
CA GLU A 790 -9.29 -6.72 -12.25
C GLU A 790 -9.49 -6.38 -13.73
N SER A 791 -10.57 -6.88 -14.31
CA SER A 791 -10.84 -6.65 -15.73
C SER A 791 -11.34 -5.25 -16.02
N ASP A 792 -11.87 -4.55 -15.01
CA ASP A 792 -12.44 -3.23 -15.18
C ASP A 792 -11.47 -2.13 -14.74
N ILE A 793 -10.19 -2.47 -14.58
CA ILE A 793 -9.23 -1.52 -14.03
C ILE A 793 -9.06 -0.31 -14.95
N MET A 794 -8.98 -0.54 -16.25
CA MET A 794 -8.74 0.55 -17.20
C MET A 794 -10.01 1.04 -17.86
N ASN A 795 -11.19 0.60 -17.39
CA ASN A 795 -12.47 1.10 -17.88
C ASN A 795 -13.10 2.08 -16.91
N ARG A 796 -12.31 2.66 -16.02
CA ARG A 796 -12.78 3.57 -14.99
C ARG A 796 -12.23 4.96 -15.22
N LYS A 797 -13.01 5.97 -14.82
CA LYS A 797 -12.59 7.34 -14.97
C LYS A 797 -11.43 7.64 -14.02
N PRO A 798 -10.55 8.57 -14.39
CA PRO A 798 -9.48 8.97 -13.47
C PRO A 798 -10.05 9.55 -12.19
N ARG A 799 -9.37 9.28 -11.08
CA ARG A 799 -9.84 9.72 -9.77
C ARG A 799 -9.45 11.18 -9.54
N HIS A 800 -10.42 11.98 -9.12
CA HIS A 800 -10.16 13.37 -8.79
C HIS A 800 -9.41 13.47 -7.47
N LYS A 801 -8.50 14.43 -7.39
CA LYS A 801 -7.61 14.54 -6.23
C LYS A 801 -8.40 14.81 -4.95
N LYS A 802 -9.36 15.72 -4.99
CA LYS A 802 -10.13 16.06 -3.80
C LYS A 802 -11.42 15.26 -3.68
N LYS A 803 -12.05 14.90 -4.81
CA LYS A 803 -13.28 14.12 -4.74
C LYS A 803 -13.01 12.71 -4.26
N ASP A 804 -12.01 12.05 -4.83
CA ASP A 804 -11.68 10.67 -4.50
C ASP A 804 -10.50 10.64 -3.54
N ARG A 805 -10.71 10.05 -2.36
CA ARG A 805 -9.67 9.90 -1.36
C ARG A 805 -9.51 8.42 -1.01
N LEU A 806 -8.32 8.09 -0.51
CA LEU A 806 -7.98 6.69 -0.28
C LEU A 806 -8.91 6.05 0.75
N VAL A 807 -9.18 6.74 1.85
CA VAL A 807 -10.03 6.22 2.91
C VAL A 807 -11.23 7.15 3.01
N ASN A 808 -12.29 6.83 2.26
CA ASN A 808 -13.53 7.58 2.34
C ASN A 808 -14.43 7.02 3.43
N THR A 809 -15.44 7.81 3.79
CA THR A 809 -16.31 7.42 4.89
C THR A 809 -17.11 6.16 4.57
N GLN A 810 -17.41 5.91 3.30
CA GLN A 810 -18.17 4.71 2.96
C GLN A 810 -17.36 3.45 3.20
N LEU A 811 -16.04 3.51 2.96
CA LEU A 811 -15.18 2.36 3.25
C LEU A 811 -15.20 2.03 4.74
N ALA A 812 -15.05 3.05 5.59
CA ALA A 812 -15.09 2.82 7.03
C ALA A 812 -16.46 2.30 7.46
N ILE A 813 -17.54 2.88 6.92
CA ILE A 813 -18.88 2.42 7.27
C ILE A 813 -19.05 0.95 6.91
N TYR A 814 -18.69 0.57 5.69
CA TYR A 814 -18.80 -0.83 5.30
C TYR A 814 -17.96 -1.72 6.21
N SER A 815 -16.67 -1.41 6.34
CA SER A 815 -15.76 -2.31 7.03
C SER A 815 -16.10 -2.46 8.50
N TYR A 816 -16.67 -1.43 9.11
CA TYR A 816 -17.03 -1.50 10.51
C TYR A 816 -18.42 -2.08 10.75
N LEU A 817 -19.41 -1.65 9.98
CA LEU A 817 -20.80 -1.97 10.27
C LEU A 817 -21.34 -3.18 9.51
N HIS A 818 -20.56 -3.78 8.61
CA HIS A 818 -21.08 -4.99 7.98
C HIS A 818 -20.23 -6.19 8.36
N ILE A 819 -18.95 -6.15 7.98
CA ILE A 819 -18.08 -7.31 8.17
C ILE A 819 -17.72 -7.46 9.64
N GLY A 820 -17.43 -6.35 10.32
CA GLY A 820 -17.11 -6.42 11.73
C GLY A 820 -18.27 -6.95 12.56
N LEU A 821 -19.47 -6.44 12.31
CA LEU A 821 -20.64 -6.93 13.04
C LEU A 821 -20.92 -8.40 12.73
N MET A 822 -20.80 -8.82 11.46
CA MET A 822 -21.06 -10.22 11.14
C MET A 822 -20.03 -11.14 11.78
N GLN A 823 -18.76 -10.72 11.80
CA GLN A 823 -17.73 -11.52 12.45
C GLN A 823 -17.97 -11.60 13.95
N ALA A 824 -18.37 -10.50 14.58
CA ALA A 824 -18.69 -10.52 16.00
C ALA A 824 -19.86 -11.44 16.28
N LEU A 825 -20.88 -11.44 15.42
CA LEU A 825 -22.02 -12.33 15.60
C LEU A 825 -21.59 -13.79 15.51
N GLY A 826 -20.73 -14.13 14.56
CA GLY A 826 -20.24 -15.50 14.48
C GLY A 826 -19.44 -15.92 15.71
N GLY A 827 -18.57 -15.03 16.18
CA GLY A 827 -17.82 -15.33 17.39
C GLY A 827 -18.72 -15.52 18.61
N PHE A 828 -19.74 -14.67 18.74
CA PHE A 828 -20.67 -14.84 19.85
C PHE A 828 -21.50 -16.11 19.71
N LEU A 829 -21.81 -16.52 18.48
CA LEU A 829 -22.51 -17.78 18.29
C LEU A 829 -21.67 -18.95 18.79
N VAL A 830 -20.38 -18.97 18.45
CA VAL A 830 -19.57 -20.10 18.92
C VAL A 830 -19.36 -20.02 20.43
N TYR A 831 -19.27 -18.81 20.98
CA TYR A 831 -19.15 -18.64 22.43
C TYR A 831 -20.36 -19.21 23.15
N PHE A 832 -21.56 -18.86 22.67
CA PHE A 832 -22.78 -19.39 23.27
C PHE A 832 -22.87 -20.89 23.09
N THR A 833 -22.43 -21.41 21.94
CA THR A 833 -22.44 -22.86 21.73
C THR A 833 -21.59 -23.57 22.76
N VAL A 834 -20.37 -23.07 22.99
CA VAL A 834 -19.48 -23.69 23.97
C VAL A 834 -20.10 -23.65 25.36
N TYR A 835 -20.56 -22.48 25.79
CA TYR A 835 -21.12 -22.36 27.13
C TYR A 835 -22.35 -23.21 27.33
N ALA A 836 -23.23 -23.27 26.32
CA ALA A 836 -24.45 -24.06 26.43
C ALA A 836 -24.13 -25.55 26.44
N GLN A 837 -23.15 -25.99 25.65
CA GLN A 837 -22.79 -27.39 25.65
C GLN A 837 -22.10 -27.80 26.93
N GLN A 838 -21.47 -26.87 27.66
CA GLN A 838 -20.87 -27.22 28.94
C GLN A 838 -21.84 -27.14 30.11
N GLY A 839 -22.95 -26.42 29.98
CA GLY A 839 -23.96 -26.43 31.02
C GLY A 839 -24.60 -25.09 31.37
N PHE A 840 -24.16 -24.02 30.73
CA PHE A 840 -24.69 -22.68 30.98
C PHE A 840 -25.46 -22.20 29.76
N TRP A 841 -26.79 -22.14 29.89
CA TRP A 841 -27.63 -21.71 28.79
C TRP A 841 -27.45 -20.21 28.54
N PRO A 842 -27.76 -19.74 27.32
CA PRO A 842 -27.55 -18.32 27.02
C PRO A 842 -28.28 -17.37 27.95
N THR A 843 -29.47 -17.73 28.42
CA THR A 843 -30.21 -16.83 29.30
C THR A 843 -29.59 -16.78 30.70
N SER A 844 -29.01 -17.89 31.16
CA SER A 844 -28.39 -17.91 32.48
C SER A 844 -27.12 -17.09 32.54
N LEU A 845 -26.51 -16.79 31.40
CA LEU A 845 -25.26 -16.03 31.39
C LEU A 845 -25.46 -14.54 31.58
N ILE A 846 -26.71 -14.07 31.62
CA ILE A 846 -26.97 -12.64 31.79
C ILE A 846 -26.69 -12.24 33.22
N ASN A 847 -25.87 -11.20 33.40
CA ASN A 847 -25.53 -10.65 34.72
C ASN A 847 -24.86 -11.69 35.62
N LEU A 848 -24.22 -12.69 35.01
CA LEU A 848 -23.48 -13.70 35.75
C LEU A 848 -22.04 -13.29 36.01
N ARG A 849 -21.64 -12.09 35.56
CA ARG A 849 -20.24 -11.68 35.65
C ARG A 849 -19.78 -11.57 37.09
N VAL A 850 -20.59 -10.97 37.96
CA VAL A 850 -20.16 -10.70 39.34
C VAL A 850 -19.85 -12.00 40.07
N ALA A 851 -20.74 -13.00 39.93
CA ALA A 851 -20.52 -14.27 40.59
C ALA A 851 -19.48 -15.13 39.87
N TRP A 852 -19.25 -14.87 38.58
CA TRP A 852 -18.36 -15.73 37.79
C TRP A 852 -16.92 -15.61 38.27
N GLU A 853 -16.41 -14.38 38.39
CA GLU A 853 -15.02 -14.17 38.78
C GLU A 853 -14.86 -14.00 40.29
N THR A 854 -15.90 -14.22 41.07
CA THR A 854 -15.75 -14.21 42.53
C THR A 854 -15.03 -15.48 42.97
N ASP A 855 -13.80 -15.31 43.45
CA ASP A 855 -13.02 -16.46 43.90
C ASP A 855 -13.63 -17.14 45.12
N ASP A 856 -14.52 -16.45 45.84
CA ASP A 856 -15.12 -17.02 47.03
C ASP A 856 -16.07 -18.15 46.69
N ILE A 857 -16.79 -18.02 45.57
CA ILE A 857 -17.87 -18.94 45.21
C ILE A 857 -17.26 -20.09 44.43
N ASN A 858 -17.17 -21.26 45.07
CA ASN A 858 -16.70 -22.47 44.41
C ASN A 858 -17.83 -23.47 44.15
N ASP A 859 -19.08 -23.03 44.28
CA ASP A 859 -20.24 -23.88 44.03
C ASP A 859 -21.30 -23.14 43.23
N LEU A 860 -20.87 -22.46 42.16
CA LEU A 860 -21.82 -21.75 41.30
C LEU A 860 -22.76 -22.74 40.64
N GLU A 861 -24.06 -22.47 40.75
CA GLU A 861 -25.08 -23.39 40.24
C GLU A 861 -25.40 -23.05 38.79
N ASP A 862 -25.22 -24.04 37.91
CA ASP A 862 -25.46 -23.84 36.49
C ASP A 862 -26.93 -24.09 36.16
N SER A 863 -27.25 -24.17 34.87
CA SER A 863 -28.64 -24.33 34.45
C SER A 863 -29.21 -25.70 34.77
N TYR A 864 -28.35 -26.70 35.00
CA TYR A 864 -28.78 -28.04 35.35
C TYR A 864 -28.72 -28.29 36.85
N GLY A 865 -28.33 -27.31 37.65
CA GLY A 865 -28.21 -27.47 39.07
C GLY A 865 -26.85 -27.89 39.56
N GLN A 866 -25.93 -28.25 38.67
CA GLN A 866 -24.59 -28.63 39.09
C GLN A 866 -23.84 -27.44 39.65
N GLU A 867 -22.91 -27.72 40.55
CA GLU A 867 -22.09 -26.70 41.20
C GLU A 867 -20.70 -26.69 40.60
N TRP A 868 -20.20 -25.50 40.27
CA TRP A 868 -18.97 -25.33 39.52
C TRP A 868 -17.91 -24.66 40.39
N THR A 869 -16.71 -25.21 40.39
CA THR A 869 -15.57 -24.60 41.05
C THR A 869 -15.07 -23.42 40.24
N ARG A 870 -14.45 -22.45 40.92
CA ARG A 870 -13.99 -21.23 40.26
C ARG A 870 -12.98 -21.53 39.16
N TYR A 871 -12.03 -22.44 39.43
CA TYR A 871 -11.06 -22.79 38.40
C TYR A 871 -11.73 -23.48 37.22
N GLN A 872 -12.73 -24.31 37.48
CA GLN A 872 -13.43 -25.00 36.39
C GLN A 872 -14.12 -24.01 35.46
N ARG A 873 -14.79 -23.01 36.02
CA ARG A 873 -15.46 -22.03 35.18
C ARG A 873 -14.49 -21.03 34.55
N LYS A 874 -13.32 -20.81 35.14
CA LYS A 874 -12.31 -20.02 34.44
C LYS A 874 -11.70 -20.81 33.28
N TYR A 875 -11.59 -22.13 33.43
CA TYR A 875 -11.19 -22.97 32.31
C TYR A 875 -12.25 -22.94 31.21
N LEU A 876 -13.53 -22.93 31.60
CA LEU A 876 -14.60 -22.75 30.64
C LEU A 876 -14.48 -21.40 29.92
N GLU A 877 -14.13 -20.36 30.66
CA GLU A 877 -13.90 -19.05 30.05
C GLU A 877 -12.77 -19.09 29.03
N TRP A 878 -11.68 -19.79 29.37
CA TRP A 878 -10.57 -19.93 28.43
C TRP A 878 -11.00 -20.68 27.17
N THR A 879 -11.80 -21.73 27.34
CA THR A 879 -12.29 -22.48 26.19
C THR A 879 -13.18 -21.60 25.30
N GLY A 880 -14.04 -20.80 25.92
CA GLY A 880 -14.85 -19.87 25.16
C GLY A 880 -14.01 -18.85 24.40
N SER A 881 -12.96 -18.34 25.04
CA SER A 881 -12.07 -17.40 24.36
C SER A 881 -11.37 -18.06 23.17
N THR A 882 -10.93 -19.31 23.33
CA THR A 882 -10.27 -20.00 22.22
C THR A 882 -11.23 -20.24 21.06
N ALA A 883 -12.48 -20.62 21.38
CA ALA A 883 -13.47 -20.81 20.33
C ALA A 883 -13.77 -19.49 19.62
N PHE A 884 -13.85 -18.40 20.38
CA PHE A 884 -14.03 -17.07 19.77
C PHE A 884 -12.87 -16.75 18.85
N PHE A 885 -11.64 -17.05 19.26
CA PHE A 885 -10.48 -16.82 18.43
C PHE A 885 -10.58 -17.58 17.12
N VAL A 886 -10.93 -18.87 17.19
CA VAL A 886 -11.01 -19.69 15.99
C VAL A 886 -12.11 -19.18 15.05
N ALA A 887 -13.26 -18.80 15.62
CA ALA A 887 -14.35 -18.27 14.81
C ALA A 887 -13.93 -16.98 14.10
N ILE A 888 -13.27 -16.09 14.83
CA ILE A 888 -12.80 -14.84 14.23
C ILE A 888 -11.80 -15.13 13.13
N MET A 889 -10.92 -16.12 13.33
CA MET A 889 -9.93 -16.45 12.30
C MET A 889 -10.58 -16.97 11.02
N ILE A 890 -11.58 -17.85 11.15
CA ILE A 890 -12.24 -18.37 9.95
C ILE A 890 -13.03 -17.26 9.25
N GLN A 891 -13.70 -16.41 10.02
CA GLN A 891 -14.40 -15.29 9.40
C GLN A 891 -13.43 -14.31 8.76
N GLN A 892 -12.21 -14.23 9.27
CA GLN A 892 -11.17 -13.43 8.62
C GLN A 892 -10.70 -14.08 7.33
N TRP A 893 -10.70 -15.42 7.26
CA TRP A 893 -10.47 -16.07 5.96
C TRP A 893 -11.53 -15.63 4.96
N ALA A 894 -12.80 -15.64 5.37
CA ALA A 894 -13.86 -15.20 4.49
C ALA A 894 -13.68 -13.74 4.08
N ASP A 895 -13.32 -12.88 5.04
CA ASP A 895 -13.10 -11.48 4.75
C ASP A 895 -11.94 -11.26 3.78
N LEU A 896 -10.87 -12.04 3.95
CA LEU A 896 -9.74 -11.95 3.02
C LEU A 896 -10.14 -12.38 1.62
N ILE A 897 -10.97 -13.42 1.52
CA ILE A 897 -11.45 -13.85 0.20
C ILE A 897 -12.28 -12.76 -0.45
N ILE A 898 -13.17 -12.12 0.33
CA ILE A 898 -14.04 -11.11 -0.27
C ILE A 898 -13.36 -9.76 -0.45
N CYS A 899 -12.19 -9.54 0.15
CA CYS A 899 -11.53 -8.25 0.05
C CYS A 899 -10.51 -8.16 -1.10
N LYS A 900 -10.34 -9.22 -1.88
CA LYS A 900 -9.42 -9.19 -2.99
C LYS A 900 -10.05 -8.67 -4.28
N THR A 901 -11.34 -8.38 -4.27
CA THR A 901 -12.03 -7.77 -5.40
C THR A 901 -12.95 -6.68 -4.87
N ARG A 902 -13.29 -5.75 -5.77
CA ARG A 902 -14.25 -4.70 -5.44
C ARG A 902 -15.43 -4.63 -6.39
N ARG A 903 -15.28 -5.09 -7.63
CA ARG A 903 -16.40 -5.16 -8.58
C ARG A 903 -16.65 -6.56 -9.07
N ASN A 904 -15.62 -7.27 -9.53
CA ASN A 904 -15.81 -8.58 -10.12
C ASN A 904 -15.98 -9.65 -9.04
N SER A 905 -16.55 -10.77 -9.45
CA SER A 905 -16.76 -11.90 -8.55
C SER A 905 -15.48 -12.69 -8.35
N ILE A 906 -15.49 -13.55 -7.34
CA ILE A 906 -14.33 -14.40 -7.07
C ILE A 906 -14.13 -15.41 -8.21
N PHE A 907 -15.19 -15.76 -8.92
CA PHE A 907 -15.06 -16.69 -10.04
C PHE A 907 -14.38 -16.04 -11.24
N GLN A 908 -14.63 -14.74 -11.44
CA GLN A 908 -13.95 -14.02 -12.52
C GLN A 908 -12.48 -13.81 -12.20
N GLN A 909 -12.19 -13.38 -10.97
CA GLN A 909 -10.81 -13.10 -10.58
C GLN A 909 -9.99 -14.38 -10.47
N GLY A 910 -10.54 -15.39 -9.81
CA GLY A 910 -9.81 -16.61 -9.56
C GLY A 910 -9.45 -16.81 -8.11
N LEU A 911 -9.66 -18.02 -7.59
CA LEU A 911 -9.44 -18.26 -6.17
C LEU A 911 -7.97 -18.44 -5.84
N PHE A 912 -7.21 -19.10 -6.72
CA PHE A 912 -5.83 -19.45 -6.45
C PHE A 912 -4.83 -18.62 -7.25
N ARG A 913 -5.25 -17.48 -7.79
CA ARG A 913 -4.35 -16.63 -8.54
C ARG A 913 -3.24 -16.07 -7.65
N ASN A 914 -3.59 -15.66 -6.43
CA ASN A 914 -2.63 -15.11 -5.48
C ASN A 914 -2.26 -16.22 -4.49
N LYS A 915 -1.03 -16.74 -4.62
CA LYS A 915 -0.57 -17.79 -3.74
C LYS A 915 -0.21 -17.28 -2.36
N VAL A 916 0.13 -16.00 -2.23
CA VAL A 916 0.48 -15.45 -0.93
C VAL A 916 -0.73 -15.38 -0.03
N ILE A 917 -1.93 -15.26 -0.61
CA ILE A 917 -3.17 -15.37 0.17
C ILE A 917 -3.23 -16.73 0.86
N TRP A 918 -2.94 -17.79 0.12
CA TRP A 918 -2.95 -19.12 0.71
C TRP A 918 -1.79 -19.32 1.67
N VAL A 919 -0.66 -18.64 1.44
CA VAL A 919 0.43 -18.67 2.41
C VAL A 919 -0.05 -18.09 3.75
N GLY A 920 -0.75 -16.96 3.70
CA GLY A 920 -1.27 -16.37 4.92
C GLY A 920 -2.32 -17.24 5.59
N ILE A 921 -3.20 -17.85 4.79
CA ILE A 921 -4.21 -18.73 5.36
C ILE A 921 -3.58 -19.94 6.03
N ALA A 922 -2.57 -20.53 5.39
CA ALA A 922 -1.86 -21.65 6.00
C ALA A 922 -1.13 -21.22 7.27
N SER A 923 -0.56 -20.01 7.27
CA SER A 923 0.08 -19.49 8.48
C SER A 923 -0.93 -19.36 9.61
N GLN A 924 -2.14 -18.88 9.30
CA GLN A 924 -3.18 -18.78 10.33
C GLN A 924 -3.60 -20.15 10.83
N VAL A 925 -3.70 -21.14 9.94
CA VAL A 925 -4.00 -22.50 10.36
C VAL A 925 -2.94 -22.99 11.33
N ILE A 926 -1.67 -22.77 10.99
CA ILE A 926 -0.56 -23.24 11.83
C ILE A 926 -0.60 -22.56 13.19
N VAL A 927 -0.81 -21.25 13.22
CA VAL A 927 -0.80 -20.55 14.50
C VAL A 927 -2.00 -20.94 15.35
N ALA A 928 -3.15 -21.18 14.71
CA ALA A 928 -4.32 -21.64 15.46
C ALA A 928 -4.07 -23.01 16.07
N LEU A 929 -3.47 -23.93 15.31
CA LEU A 929 -3.16 -25.24 15.86
C LEU A 929 -2.15 -25.14 17.00
N ILE A 930 -1.12 -24.30 16.83
CA ILE A 930 -0.10 -24.16 17.87
C ILE A 930 -0.70 -23.52 19.12
N LEU A 931 -1.68 -22.64 18.95
CA LEU A 931 -2.30 -21.99 20.11
C LEU A 931 -3.29 -22.91 20.82
N SER A 932 -4.02 -23.74 20.08
CA SER A 932 -5.04 -24.57 20.73
C SER A 932 -4.45 -25.86 21.30
N TYR A 933 -3.52 -26.48 20.59
CA TYR A 933 -2.95 -27.75 21.02
C TYR A 933 -1.60 -27.61 21.70
N GLY A 934 -0.88 -26.53 21.46
CA GLY A 934 0.23 -26.10 22.29
C GLY A 934 -0.24 -24.91 23.11
N LEU A 935 0.25 -24.83 24.36
CA LEU A 935 -0.20 -23.85 25.34
C LEU A 935 -1.66 -24.07 25.73
N GLY A 936 -2.34 -25.05 25.15
CA GLY A 936 -3.69 -25.41 25.51
C GLY A 936 -3.72 -26.74 26.20
N SER A 937 -2.83 -27.65 25.79
CA SER A 937 -2.57 -28.86 26.57
C SER A 937 -2.01 -28.50 27.94
N VAL A 938 -1.15 -27.49 28.00
CA VAL A 938 -0.75 -26.87 29.25
C VAL A 938 -1.31 -25.45 29.22
N PRO A 939 -2.49 -25.20 29.81
CA PRO A 939 -3.15 -23.90 29.61
C PRO A 939 -2.39 -22.75 30.24
N ALA A 940 -1.75 -21.93 29.42
CA ALA A 940 -1.00 -20.79 29.93
C ALA A 940 -1.60 -19.45 29.50
N LEU A 941 -1.66 -19.18 28.20
CA LEU A 941 -2.06 -17.86 27.71
C LEU A 941 -3.55 -17.80 27.42
N SER A 942 -4.38 -18.20 28.40
CA SER A 942 -5.83 -18.20 28.26
C SER A 942 -6.27 -19.00 27.03
N PHE A 943 -5.57 -20.10 26.77
CA PHE A 943 -5.86 -20.98 25.65
C PHE A 943 -6.00 -22.41 26.15
N THR A 944 -6.98 -23.12 25.58
CA THR A 944 -7.21 -24.51 25.92
C THR A 944 -7.47 -25.30 24.64
N MET A 945 -7.38 -26.62 24.74
CA MET A 945 -7.70 -27.48 23.61
C MET A 945 -9.20 -27.39 23.31
N LEU A 946 -9.52 -27.49 22.02
CA LEU A 946 -10.89 -27.40 21.56
C LEU A 946 -11.34 -28.73 20.97
N ARG A 947 -12.63 -29.03 21.13
CA ARG A 947 -13.21 -30.19 20.47
C ARG A 947 -13.32 -29.92 18.98
N VAL A 948 -13.48 -31.01 18.21
CA VAL A 948 -13.46 -30.89 16.75
C VAL A 948 -14.64 -30.07 16.26
N GLN A 949 -15.81 -30.16 16.91
CA GLN A 949 -17.00 -29.49 16.40
C GLN A 949 -16.93 -27.98 16.57
N TYR A 950 -16.13 -27.49 17.52
CA TYR A 950 -16.06 -26.05 17.75
C TYR A 950 -15.31 -25.32 16.65
N TRP A 951 -14.55 -26.03 15.82
CA TRP A 951 -13.86 -25.39 14.71
C TRP A 951 -14.78 -25.06 13.54
N PHE A 952 -15.87 -25.83 13.38
CA PHE A 952 -16.74 -25.70 12.22
C PHE A 952 -18.03 -24.96 12.51
N VAL A 953 -18.18 -24.38 13.72
CA VAL A 953 -19.43 -23.71 14.06
C VAL A 953 -19.58 -22.42 13.26
N ALA A 954 -18.50 -21.66 13.10
CA ALA A 954 -18.55 -20.37 12.43
C ALA A 954 -18.39 -20.47 10.92
N VAL A 955 -18.24 -21.67 10.38
CA VAL A 955 -18.12 -21.83 8.92
C VAL A 955 -19.38 -21.32 8.20
N PRO A 956 -20.60 -21.64 8.65
CA PRO A 956 -21.77 -21.04 8.00
C PRO A 956 -21.78 -19.53 8.01
N HIS A 957 -21.26 -18.90 9.08
CA HIS A 957 -21.23 -17.44 9.11
C HIS A 957 -20.21 -16.89 8.10
N ALA A 958 -19.08 -17.57 7.95
CA ALA A 958 -18.12 -17.17 6.92
C ALA A 958 -18.72 -17.31 5.52
N ILE A 959 -19.44 -18.40 5.28
CA ILE A 959 -20.11 -18.57 4.00
C ILE A 959 -21.16 -17.49 3.78
N LEU A 960 -21.86 -17.10 4.85
CA LEU A 960 -22.84 -16.02 4.75
C LEU A 960 -22.16 -14.70 4.40
N ILE A 961 -21.00 -14.43 5.02
CA ILE A 961 -20.24 -13.22 4.68
C ILE A 961 -19.89 -13.22 3.20
N TRP A 962 -19.38 -14.34 2.71
CA TRP A 962 -19.00 -14.44 1.30
C TRP A 962 -20.21 -14.24 0.39
N VAL A 963 -21.33 -14.89 0.71
CA VAL A 963 -22.52 -14.80 -0.13
C VAL A 963 -23.05 -13.36 -0.15
N TYR A 964 -23.09 -12.71 1.01
CA TYR A 964 -23.58 -11.33 1.06
C TYR A 964 -22.70 -10.41 0.24
N ASP A 965 -21.38 -10.55 0.36
CA ASP A 965 -20.48 -9.68 -0.41
C ASP A 965 -20.61 -9.94 -1.90
N GLU A 966 -20.72 -11.21 -2.30
CA GLU A 966 -20.90 -11.53 -3.72
C GLU A 966 -22.22 -10.97 -4.25
N MET A 967 -23.28 -11.07 -3.47
CA MET A 967 -24.56 -10.50 -3.89
C MET A 967 -24.47 -8.98 -4.04
N ARG A 968 -23.78 -8.32 -3.11
CA ARG A 968 -23.60 -6.87 -3.22
C ARG A 968 -22.84 -6.50 -4.48
N LYS A 969 -21.75 -7.21 -4.77
CA LYS A 969 -20.97 -6.94 -5.98
C LYS A 969 -21.80 -7.21 -7.23
N LEU A 970 -22.57 -8.30 -7.23
CA LEU A 970 -23.37 -8.64 -8.40
C LEU A 970 -24.44 -7.58 -8.66
N PHE A 971 -25.08 -7.09 -7.60
CA PHE A 971 -26.09 -6.05 -7.78
C PHE A 971 -25.46 -4.72 -8.19
N ILE A 972 -24.23 -4.46 -7.75
CA ILE A 972 -23.51 -3.28 -8.24
C ILE A 972 -23.24 -3.41 -9.74
N ARG A 973 -22.79 -4.59 -10.16
CA ARG A 973 -22.44 -4.78 -11.57
C ARG A 973 -23.68 -4.73 -12.46
N LEU A 974 -24.77 -5.36 -12.04
CA LEU A 974 -25.95 -5.48 -12.91
C LEU A 974 -26.66 -4.14 -13.08
N TYR A 975 -26.56 -3.25 -12.11
CA TYR A 975 -27.29 -1.98 -12.11
C TYR A 975 -26.32 -0.83 -11.87
N PRO A 976 -25.47 -0.51 -12.84
CA PRO A 976 -24.51 0.59 -12.66
C PRO A 976 -25.22 1.93 -12.55
N GLY A 977 -24.66 2.81 -11.73
CA GLY A 977 -25.19 4.15 -11.57
C GLY A 977 -26.45 4.26 -10.77
N SER A 978 -26.97 3.15 -10.24
CA SER A 978 -28.21 3.17 -9.48
C SER A 978 -27.94 3.56 -8.03
N TRP A 979 -29.01 3.49 -7.21
CA TRP A 979 -28.87 3.76 -5.79
C TRP A 979 -27.93 2.76 -5.13
N TRP A 980 -28.08 1.47 -5.46
CA TRP A 980 -27.23 0.44 -4.89
C TRP A 980 -25.78 0.66 -5.29
N ASP A 981 -25.53 0.94 -6.57
CA ASP A 981 -24.17 1.18 -7.01
C ASP A 981 -23.57 2.43 -6.36
N LYS A 982 -24.38 3.46 -6.15
CA LYS A 982 -23.88 4.69 -5.58
C LYS A 982 -23.56 4.57 -4.09
N ASN A 983 -24.38 3.82 -3.34
CA ASN A 983 -24.25 3.80 -1.89
C ASN A 983 -23.55 2.56 -1.35
N MET A 984 -23.39 1.50 -2.14
CA MET A 984 -22.83 0.26 -1.64
C MET A 984 -21.48 -0.05 -2.27
N TYR A 985 -20.81 0.94 -2.86
CA TYR A 985 -19.53 0.76 -3.50
C TYR A 985 -18.46 1.51 -2.72
N TYR A 986 -17.40 0.82 -2.36
CA TYR A 986 -16.29 1.45 -1.64
C TYR A 986 -15.03 1.46 -2.51
N THR B 48 -30.64 15.47 3.04
CA THR B 48 -31.88 15.27 2.30
C THR B 48 -32.62 14.03 2.83
N GLY B 49 -33.88 14.23 3.22
CA GLY B 49 -34.66 13.14 3.79
C GLY B 49 -35.01 12.05 2.80
N GLY B 50 -35.08 12.38 1.51
CA GLY B 50 -35.47 11.38 0.52
C GLY B 50 -34.51 10.21 0.46
N SER B 51 -33.21 10.48 0.53
CA SER B 51 -32.21 9.42 0.55
C SER B 51 -31.89 8.93 1.96
N TRP B 52 -32.04 9.81 2.96
CA TRP B 52 -31.86 9.38 4.34
C TRP B 52 -32.86 8.28 4.71
N PHE B 53 -34.11 8.46 4.32
CA PHE B 53 -35.11 7.43 4.59
C PHE B 53 -34.75 6.12 3.93
N LYS B 54 -34.28 6.16 2.68
CA LYS B 54 -33.96 4.93 1.96
C LYS B 54 -32.78 4.21 2.59
N ILE B 55 -31.73 4.95 2.97
CA ILE B 55 -30.57 4.28 3.57
C ILE B 55 -30.90 3.76 4.96
N LEU B 56 -31.72 4.50 5.73
CA LEU B 56 -32.14 4.00 7.03
C LEU B 56 -33.02 2.76 6.88
N LEU B 57 -33.85 2.72 5.84
CA LEU B 57 -34.64 1.52 5.57
C LEU B 57 -33.74 0.34 5.25
N PHE B 58 -32.73 0.55 4.40
CA PHE B 58 -31.81 -0.53 4.10
C PHE B 58 -31.13 -1.03 5.36
N TYR B 59 -30.69 -0.11 6.22
CA TYR B 59 -30.06 -0.52 7.47
C TYR B 59 -31.03 -1.28 8.36
N VAL B 60 -32.31 -0.88 8.37
CA VAL B 60 -33.30 -1.57 9.19
C VAL B 60 -33.45 -3.02 8.75
N ILE B 61 -33.68 -3.24 7.45
CA ILE B 61 -33.80 -4.62 6.98
C ILE B 61 -32.49 -5.39 7.13
N PHE B 62 -31.35 -4.74 6.91
CA PHE B 62 -30.07 -5.42 7.03
C PHE B 62 -29.83 -5.92 8.45
N TYR B 63 -30.06 -5.05 9.43
CA TYR B 63 -29.84 -5.44 10.82
C TYR B 63 -30.92 -6.39 11.32
N GLY B 64 -32.15 -6.26 10.82
CA GLY B 64 -33.15 -7.25 11.15
C GLY B 64 -32.80 -8.64 10.63
N CYS B 65 -32.28 -8.70 9.41
CA CYS B 65 -31.84 -9.98 8.86
C CYS B 65 -30.65 -10.54 9.64
N LEU B 66 -29.71 -9.68 10.03
CA LEU B 66 -28.57 -10.15 10.82
C LEU B 66 -29.03 -10.70 12.16
N ALA B 67 -29.93 -9.99 12.83
CA ALA B 67 -30.46 -10.47 14.11
C ALA B 67 -31.24 -11.77 13.92
N GLY B 68 -32.00 -11.88 12.82
CA GLY B 68 -32.73 -13.10 12.56
C GLY B 68 -31.82 -14.29 12.35
N ILE B 69 -30.74 -14.09 11.59
CA ILE B 69 -29.77 -15.17 11.38
C ILE B 69 -29.11 -15.56 12.70
N PHE B 70 -28.74 -14.57 13.52
CA PHE B 70 -28.12 -14.86 14.80
C PHE B 70 -29.06 -15.67 15.70
N ILE B 71 -30.32 -15.24 15.80
CA ILE B 71 -31.29 -15.92 16.64
C ILE B 71 -31.58 -17.32 16.10
N GLY B 72 -31.68 -17.46 14.79
CA GLY B 72 -31.92 -18.78 14.21
C GLY B 72 -30.77 -19.74 14.47
N THR B 73 -29.54 -19.27 14.33
CA THR B 73 -28.39 -20.12 14.63
C THR B 73 -28.35 -20.51 16.11
N ILE B 74 -28.67 -19.56 16.99
CA ILE B 74 -28.72 -19.86 18.42
C ILE B 74 -29.78 -20.92 18.71
N GLN B 75 -30.96 -20.79 18.10
CA GLN B 75 -32.02 -21.76 18.33
C GLN B 75 -31.66 -23.12 17.77
N VAL B 76 -31.05 -23.18 16.58
CA VAL B 76 -30.65 -24.46 16.01
C VAL B 76 -29.60 -25.12 16.89
N MET B 77 -28.72 -24.33 17.49
CA MET B 77 -27.79 -24.88 18.48
C MET B 77 -28.54 -25.41 19.69
N LEU B 78 -29.57 -24.68 20.15
CA LEU B 78 -30.25 -25.04 21.38
C LEU B 78 -31.09 -26.31 21.23
N LEU B 79 -31.63 -26.58 20.04
CA LEU B 79 -32.29 -27.87 19.83
C LEU B 79 -31.36 -29.05 20.07
N THR B 80 -30.05 -28.85 19.94
CA THR B 80 -29.09 -29.89 20.30
C THR B 80 -28.84 -29.97 21.80
N ILE B 81 -29.35 -29.03 22.58
CA ILE B 81 -29.14 -28.98 24.02
C ILE B 81 -30.32 -29.64 24.72
N SER B 82 -30.05 -30.64 25.54
CA SER B 82 -31.07 -31.31 26.31
C SER B 82 -31.33 -30.56 27.61
N GLU B 83 -32.61 -30.49 27.99
CA GLU B 83 -32.99 -29.81 29.22
C GLU B 83 -32.78 -30.65 30.46
N LEU B 84 -32.57 -31.96 30.30
CA LEU B 84 -32.45 -32.88 31.42
C LEU B 84 -31.00 -33.25 31.75
N LYS B 85 -30.19 -33.51 30.73
CA LYS B 85 -28.83 -34.00 30.91
C LYS B 85 -27.88 -33.16 30.08
N PRO B 86 -26.83 -32.60 30.69
CA PRO B 86 -25.91 -31.73 29.93
C PRO B 86 -25.13 -32.51 28.89
N THR B 87 -24.80 -31.81 27.80
CA THR B 87 -24.12 -32.46 26.68
C THR B 87 -22.76 -33.02 27.10
N TYR B 88 -22.00 -32.23 27.86
CA TYR B 88 -20.68 -32.66 28.33
C TYR B 88 -20.54 -32.34 29.81
N GLN B 89 -19.68 -33.10 30.47
CA GLN B 89 -19.31 -32.87 31.86
C GLN B 89 -17.80 -32.86 31.99
N ASP B 90 -17.10 -32.29 30.99
CA ASP B 90 -15.65 -32.28 31.01
C ASP B 90 -15.12 -31.46 32.19
N ARG B 91 -15.75 -30.33 32.47
CA ARG B 91 -15.24 -29.41 33.48
C ARG B 91 -15.70 -29.76 34.89
N VAL B 92 -16.78 -30.53 35.04
CA VAL B 92 -17.41 -30.72 36.34
C VAL B 92 -17.40 -32.17 36.80
N ALA B 93 -17.03 -33.13 35.95
CA ALA B 93 -17.20 -34.54 36.30
C ALA B 93 -16.54 -34.92 37.62
N PRO B 94 -15.29 -34.54 37.92
CA PRO B 94 -14.77 -34.74 39.27
C PRO B 94 -15.29 -33.64 40.20
N PRO B 95 -16.23 -33.95 41.07
CA PRO B 95 -16.88 -32.89 41.87
C PRO B 95 -15.90 -32.22 42.81
N GLY B 96 -16.12 -30.93 43.02
CA GLY B 96 -15.34 -30.21 44.00
C GLY B 96 -15.86 -30.43 45.40
N LEU B 97 -14.97 -30.23 46.37
CA LEU B 97 -15.31 -30.40 47.78
C LEU B 97 -15.22 -29.03 48.45
N THR B 98 -16.33 -28.58 49.03
CA THR B 98 -16.42 -27.23 49.58
C THR B 98 -17.01 -27.29 50.98
N GLN B 99 -17.08 -26.13 51.63
CA GLN B 99 -17.63 -26.02 52.97
C GLN B 99 -18.70 -24.94 53.00
N ILE B 100 -19.52 -24.99 54.04
CA ILE B 100 -20.70 -24.14 54.19
C ILE B 100 -20.42 -22.76 54.77
N PRO B 101 -19.58 -22.60 55.82
CA PRO B 101 -19.39 -21.27 56.42
C PRO B 101 -19.13 -20.14 55.44
N GLN B 102 -18.64 -20.47 54.23
CA GLN B 102 -18.48 -19.51 53.14
C GLN B 102 -17.57 -18.35 53.57
N ILE B 103 -16.32 -18.71 53.83
CA ILE B 103 -15.32 -17.77 54.32
C ILE B 103 -14.55 -17.19 53.13
N GLN B 104 -14.19 -15.91 53.26
CA GLN B 104 -13.67 -15.13 52.15
C GLN B 104 -12.34 -15.64 51.61
N LYS B 105 -11.29 -15.58 52.43
CA LYS B 105 -9.92 -15.84 51.97
C LYS B 105 -9.42 -17.18 52.50
N THR B 106 -10.33 -18.16 52.57
CA THR B 106 -10.04 -19.46 53.19
C THR B 106 -9.54 -19.29 54.61
N GLU B 107 -10.09 -18.30 55.32
CA GLU B 107 -9.68 -17.99 56.68
C GLU B 107 -10.90 -17.92 57.58
N ILE B 108 -10.81 -18.53 58.75
CA ILE B 108 -11.83 -18.42 59.80
C ILE B 108 -11.18 -17.69 60.96
N SER B 109 -11.50 -16.42 61.12
CA SER B 109 -10.94 -15.57 62.18
C SER B 109 -12.10 -15.07 63.04
N PHE B 110 -12.08 -15.43 64.31
CA PHE B 110 -13.12 -14.99 65.24
C PHE B 110 -12.59 -15.10 66.66
N ARG B 111 -13.03 -14.19 67.52
CA ARG B 111 -12.74 -14.24 68.94
C ARG B 111 -13.99 -14.65 69.69
N PRO B 112 -13.97 -15.73 70.47
CA PRO B 112 -15.20 -16.19 71.13
C PRO B 112 -15.80 -15.14 72.07
N ASN B 113 -14.98 -14.25 72.62
CA ASN B 113 -15.52 -13.23 73.52
C ASN B 113 -16.46 -12.27 72.80
N ASP B 114 -16.09 -11.87 71.58
CA ASP B 114 -16.90 -10.91 70.83
C ASP B 114 -17.86 -11.65 69.92
N PRO B 115 -19.18 -11.52 70.11
CA PRO B 115 -20.13 -12.22 69.24
C PRO B 115 -20.03 -11.82 67.77
N LYS B 116 -19.71 -10.56 67.47
CA LYS B 116 -19.66 -10.10 66.09
C LYS B 116 -18.55 -10.77 65.29
N SER B 117 -17.54 -11.34 65.97
CA SER B 117 -16.45 -12.00 65.27
C SER B 117 -16.95 -13.23 64.51
N TYR B 118 -17.85 -14.01 65.12
CA TYR B 118 -18.41 -15.20 64.51
C TYR B 118 -19.87 -15.03 64.11
N GLU B 119 -20.41 -13.82 64.22
CA GLU B 119 -21.80 -13.59 63.85
C GLU B 119 -22.05 -13.90 62.39
N ALA B 120 -21.15 -13.46 61.50
CA ALA B 120 -21.32 -13.72 60.07
C ALA B 120 -21.25 -15.22 59.77
N TYR B 121 -20.31 -15.92 60.40
CA TYR B 121 -20.17 -17.35 60.17
C TYR B 121 -21.43 -18.09 60.62
N VAL B 122 -21.92 -17.77 61.82
CA VAL B 122 -23.12 -18.43 62.34
C VAL B 122 -24.32 -18.12 61.47
N LEU B 123 -24.45 -16.87 61.04
CA LEU B 123 -25.57 -16.50 60.18
C LEU B 123 -25.53 -17.24 58.85
N ASN B 124 -24.34 -17.36 58.25
CA ASN B 124 -24.23 -18.11 57.01
C ASN B 124 -24.59 -19.57 57.20
N ILE B 125 -24.11 -20.18 58.30
CA ILE B 125 -24.39 -21.59 58.54
C ILE B 125 -25.89 -21.82 58.73
N ILE B 126 -26.54 -20.98 59.52
CA ILE B 126 -27.97 -21.16 59.75
C ILE B 126 -28.76 -20.87 58.48
N ARG B 127 -28.32 -19.89 57.68
CA ARG B 127 -29.00 -19.60 56.43
C ARG B 127 -28.94 -20.78 55.48
N PHE B 128 -27.78 -21.45 55.41
CA PHE B 128 -27.71 -22.66 54.58
C PHE B 128 -28.56 -23.78 55.16
N LEU B 129 -28.55 -23.95 56.48
CA LEU B 129 -29.24 -25.07 57.11
C LEU B 129 -30.74 -24.86 57.23
N GLU B 130 -31.26 -23.68 56.87
CA GLU B 130 -32.70 -23.46 56.88
C GLU B 130 -33.45 -24.54 56.12
N LYS B 131 -32.93 -24.97 54.98
CA LYS B 131 -33.65 -25.94 54.15
C LYS B 131 -33.52 -27.38 54.65
N TYR B 132 -32.63 -27.63 55.62
CA TYR B 132 -32.48 -28.96 56.19
C TYR B 132 -33.33 -29.17 57.43
N LYS B 133 -34.07 -28.16 57.87
CA LYS B 133 -34.97 -28.32 59.01
C LYS B 133 -36.09 -29.30 58.66
N ASP B 134 -36.52 -30.07 59.67
CA ASP B 134 -37.56 -31.06 59.46
C ASP B 134 -38.90 -30.44 59.11
N SER B 135 -39.09 -29.15 59.39
CA SER B 135 -40.32 -28.48 59.00
C SER B 135 -40.47 -28.43 57.48
N ALA B 136 -39.37 -28.15 56.77
CA ALA B 136 -39.39 -28.07 55.31
C ALA B 136 -39.38 -29.44 54.65
N GLN B 137 -39.10 -30.51 55.39
CA GLN B 137 -39.08 -31.86 54.86
C GLN B 137 -40.34 -32.65 55.23
N LYS B 138 -41.37 -31.98 55.74
CA LYS B 138 -42.56 -32.66 56.20
C LYS B 138 -43.37 -33.27 55.06
N ASP B 139 -43.25 -32.74 53.84
CA ASP B 139 -44.02 -33.26 52.72
C ASP B 139 -43.59 -34.69 52.39
N ASP B 140 -44.56 -35.48 51.92
CA ASP B 140 -44.33 -36.87 51.60
C ASP B 140 -44.44 -37.20 50.12
N MET B 141 -45.04 -36.31 49.32
CA MET B 141 -45.15 -36.56 47.89
C MET B 141 -43.80 -36.54 47.19
N ILE B 142 -42.90 -35.65 47.63
CA ILE B 142 -41.59 -35.53 47.01
C ILE B 142 -40.47 -36.07 47.90
N PHE B 143 -40.61 -35.97 49.22
CA PHE B 143 -39.57 -36.45 50.13
C PHE B 143 -39.89 -37.88 50.58
N GLU B 144 -38.91 -38.76 50.43
CA GLU B 144 -39.02 -40.14 50.88
C GLU B 144 -37.99 -40.40 51.98
N ASP B 145 -38.38 -41.19 52.97
CA ASP B 145 -37.53 -41.49 54.12
C ASP B 145 -36.79 -42.79 53.86
N CYS B 146 -35.59 -42.70 53.29
CA CYS B 146 -34.73 -43.87 53.15
C CYS B 146 -33.99 -44.13 54.45
N GLY B 147 -33.43 -45.32 54.56
CA GLY B 147 -32.91 -45.78 55.83
C GLY B 147 -31.74 -44.95 56.33
N SER B 148 -31.55 -44.97 57.65
CA SER B 148 -30.45 -44.25 58.27
C SER B 148 -29.12 -45.00 58.15
N MET B 149 -29.12 -46.21 57.63
CA MET B 149 -27.88 -46.92 57.38
C MET B 149 -27.47 -46.75 55.92
N PRO B 150 -26.19 -46.47 55.65
CA PRO B 150 -25.75 -46.27 54.26
C PRO B 150 -26.03 -47.50 53.42
N SER B 151 -26.45 -47.27 52.18
CA SER B 151 -26.84 -48.33 51.28
C SER B 151 -26.36 -48.03 49.86
N GLU B 152 -26.58 -48.98 48.97
CA GLU B 152 -26.14 -48.88 47.59
C GLU B 152 -26.89 -47.75 46.88
N PRO B 153 -26.21 -47.03 45.98
CA PRO B 153 -26.89 -45.95 45.25
C PRO B 153 -28.11 -46.45 44.50
N LYS B 154 -29.19 -45.68 44.55
CA LYS B 154 -30.47 -46.08 44.00
C LYS B 154 -30.74 -45.36 42.69
N GLU B 155 -31.11 -46.11 41.66
CA GLU B 155 -31.41 -45.57 40.35
C GLU B 155 -32.91 -45.33 40.24
N ARG B 156 -33.28 -44.10 39.88
CA ARG B 156 -34.68 -43.72 39.74
C ARG B 156 -35.12 -43.66 38.29
N GLY B 157 -34.34 -44.20 37.37
CA GLY B 157 -34.68 -44.22 35.96
C GLY B 157 -33.79 -43.32 35.14
N GLU B 158 -33.89 -43.49 33.82
CA GLU B 158 -33.12 -42.72 32.88
C GLU B 158 -33.64 -41.28 32.81
N PHE B 159 -32.78 -40.38 32.35
CA PHE B 159 -33.13 -38.96 32.28
C PHE B 159 -34.12 -38.71 31.14
N ASN B 160 -35.40 -38.90 31.41
CA ASN B 160 -36.46 -38.67 30.44
C ASN B 160 -37.58 -37.86 31.09
N HIS B 161 -38.28 -37.09 30.26
CA HIS B 161 -39.41 -36.30 30.76
C HIS B 161 -40.52 -37.18 31.32
N GLU B 162 -40.58 -38.45 30.90
CA GLU B 162 -41.53 -39.38 31.47
C GLU B 162 -41.21 -39.62 32.95
N ARG B 163 -42.25 -39.93 33.73
CA ARG B 163 -42.27 -40.13 35.18
C ARG B 163 -42.19 -38.79 35.92
N GLY B 164 -41.99 -37.68 35.24
CA GLY B 164 -42.03 -36.36 35.86
C GLY B 164 -40.97 -36.18 36.93
N GLU B 165 -41.33 -35.41 37.95
CA GLU B 165 -40.42 -35.14 39.05
C GLU B 165 -40.16 -36.40 39.87
N ARG B 166 -38.91 -36.59 40.25
CA ARG B 166 -38.50 -37.74 41.05
C ARG B 166 -38.57 -37.40 42.53
N LYS B 167 -38.50 -38.44 43.36
CA LYS B 167 -38.49 -38.29 44.80
C LYS B 167 -37.06 -38.21 45.32
N VAL B 168 -36.89 -37.59 46.48
CA VAL B 168 -35.58 -37.34 47.07
C VAL B 168 -35.57 -37.86 48.49
N CYS B 169 -34.43 -38.43 48.89
CA CYS B 169 -34.23 -38.79 50.29
C CYS B 169 -34.19 -37.54 51.16
N ARG B 170 -34.69 -37.68 52.38
CA ARG B 170 -34.68 -36.59 53.35
C ARG B 170 -33.49 -36.73 54.29
N PHE B 171 -32.76 -35.64 54.47
CA PHE B 171 -31.57 -35.61 55.32
C PHE B 171 -31.93 -34.91 56.62
N LYS B 172 -31.69 -35.59 57.74
CA LYS B 172 -32.08 -35.10 59.05
C LYS B 172 -30.93 -34.36 59.72
N LEU B 173 -31.24 -33.22 60.34
CA LEU B 173 -30.21 -32.40 60.96
C LEU B 173 -29.61 -33.06 62.19
N ASP B 174 -30.38 -33.91 62.89
CA ASP B 174 -29.90 -34.51 64.12
C ASP B 174 -28.68 -35.41 63.89
N TRP B 175 -28.45 -35.83 62.64
CA TRP B 175 -27.24 -36.60 62.35
C TRP B 175 -25.98 -35.75 62.51
N LEU B 176 -26.09 -34.44 62.32
CA LEU B 176 -24.94 -33.53 62.44
C LEU B 176 -24.84 -33.03 63.89
N GLY B 177 -24.70 -33.99 64.79
CA GLY B 177 -24.69 -33.65 66.21
C GLY B 177 -23.53 -32.75 66.57
N ASN B 178 -23.74 -31.93 67.61
CA ASN B 178 -22.77 -30.99 68.15
C ASN B 178 -22.57 -29.80 67.21
N CYS B 179 -23.12 -29.89 65.99
CA CYS B 179 -23.01 -28.82 65.02
C CYS B 179 -24.30 -28.60 64.23
N SER B 180 -25.40 -29.25 64.61
CA SER B 180 -26.67 -29.05 63.92
C SER B 180 -27.37 -27.77 64.32
N GLY B 181 -27.03 -27.20 65.48
CA GLY B 181 -27.71 -26.03 65.99
C GLY B 181 -28.99 -26.31 66.76
N LEU B 182 -29.48 -27.55 66.71
CA LEU B 182 -30.68 -27.90 67.48
C LEU B 182 -30.37 -27.96 68.97
N ASN B 183 -29.27 -28.61 69.33
CA ASN B 183 -28.90 -28.73 70.75
C ASN B 183 -28.16 -27.49 71.23
N ASP B 184 -27.34 -26.88 70.37
CA ASP B 184 -26.53 -25.72 70.74
C ASP B 184 -26.67 -24.67 69.66
N GLU B 185 -27.35 -23.57 69.99
CA GLU B 185 -27.44 -22.45 69.08
C GLU B 185 -26.09 -21.77 68.92
N SER B 186 -25.87 -21.18 67.75
CA SER B 186 -24.62 -20.53 67.35
C SER B 186 -23.45 -21.51 67.28
N TYR B 187 -23.72 -22.81 67.36
CA TYR B 187 -22.73 -23.88 67.16
C TYR B 187 -21.61 -23.71 68.20
N GLY B 188 -20.40 -24.15 67.86
CA GLY B 188 -19.32 -24.16 68.81
C GLY B 188 -18.45 -22.92 68.79
N TYR B 189 -18.96 -21.84 68.20
CA TYR B 189 -18.17 -20.61 68.11
C TYR B 189 -18.10 -19.88 69.44
N LYS B 190 -19.14 -19.96 70.27
CA LYS B 190 -19.08 -19.35 71.59
C LYS B 190 -18.01 -20.01 72.45
N GLU B 191 -18.02 -21.33 72.53
CA GLU B 191 -17.07 -22.05 73.36
C GLU B 191 -15.67 -22.10 72.76
N GLY B 192 -15.58 -22.05 71.44
CA GLY B 192 -14.29 -22.12 70.78
C GLY B 192 -14.04 -23.45 70.10
N LYS B 193 -15.13 -24.08 69.64
CA LYS B 193 -15.06 -25.38 68.96
C LYS B 193 -15.75 -25.23 67.61
N PRO B 194 -15.08 -24.60 66.64
CA PRO B 194 -15.75 -24.26 65.37
C PRO B 194 -16.21 -25.50 64.63
N CYS B 195 -17.38 -25.37 63.98
CA CYS B 195 -17.94 -26.42 63.14
C CYS B 195 -17.97 -25.94 61.71
N ILE B 196 -17.55 -26.79 60.78
CA ILE B 196 -17.70 -26.56 59.36
C ILE B 196 -18.44 -27.76 58.77
N ILE B 197 -19.40 -27.47 57.89
CA ILE B 197 -20.19 -28.50 57.23
C ILE B 197 -19.60 -28.70 55.84
N ILE B 198 -19.24 -29.94 55.52
CA ILE B 198 -18.55 -30.28 54.28
C ILE B 198 -19.55 -30.90 53.32
N LYS B 199 -19.58 -30.40 52.09
CA LYS B 199 -20.47 -30.91 51.06
C LYS B 199 -19.69 -31.17 49.78
N LEU B 200 -20.16 -32.14 49.01
CA LEU B 200 -19.60 -32.46 47.72
C LEU B 200 -20.41 -31.78 46.63
N ASN B 201 -19.72 -31.11 45.71
CA ASN B 201 -20.40 -30.35 44.66
C ASN B 201 -21.31 -31.25 43.84
N ARG B 202 -22.52 -30.76 43.56
CA ARG B 202 -23.50 -31.54 42.84
C ARG B 202 -23.08 -31.72 41.39
N VAL B 203 -23.05 -32.97 40.93
CA VAL B 203 -22.78 -33.30 39.55
C VAL B 203 -23.92 -34.17 39.04
N LEU B 204 -24.51 -33.78 37.93
CA LEU B 204 -25.70 -34.47 37.43
C LEU B 204 -25.34 -35.87 36.95
N GLY B 205 -26.06 -36.86 37.49
CA GLY B 205 -25.83 -38.24 37.12
C GLY B 205 -24.46 -38.77 37.51
N PHE B 206 -24.03 -38.47 38.74
CA PHE B 206 -22.72 -38.86 39.24
C PHE B 206 -22.88 -39.88 40.36
N LYS B 207 -22.17 -41.00 40.25
CA LYS B 207 -22.17 -42.05 41.27
C LYS B 207 -20.77 -42.21 41.84
N PRO B 208 -20.48 -41.66 43.01
CA PRO B 208 -19.15 -41.82 43.59
C PRO B 208 -18.82 -43.28 43.87
N LYS B 209 -17.57 -43.65 43.62
CA LYS B 209 -17.07 -44.99 43.92
C LYS B 209 -16.06 -44.90 45.06
N PRO B 210 -16.39 -45.37 46.26
CA PRO B 210 -15.43 -45.33 47.36
C PRO B 210 -14.27 -46.27 47.11
N PRO B 211 -13.11 -46.03 47.73
CA PRO B 211 -11.95 -46.89 47.48
C PRO B 211 -12.21 -48.34 47.90
N LYS B 212 -11.62 -49.26 47.14
CA LYS B 212 -11.80 -50.67 47.41
C LYS B 212 -11.06 -51.07 48.68
N ASN B 213 -11.47 -52.20 49.25
CA ASN B 213 -10.90 -52.64 50.52
C ASN B 213 -9.43 -53.01 50.38
N GLU B 214 -9.02 -53.52 49.21
CA GLU B 214 -7.64 -53.96 49.04
C GLU B 214 -6.67 -52.78 49.08
N SER B 215 -7.07 -51.62 48.55
CA SER B 215 -6.22 -50.43 48.50
C SER B 215 -6.86 -49.34 49.37
N LEU B 216 -6.26 -49.09 50.53
CA LEU B 216 -6.76 -48.12 51.48
C LEU B 216 -5.78 -46.94 51.54
N GLU B 217 -6.01 -45.93 50.70
CA GLU B 217 -5.17 -44.74 50.73
C GLU B 217 -5.39 -43.93 52.00
N THR B 218 -6.62 -43.92 52.52
CA THR B 218 -6.93 -43.20 53.74
C THR B 218 -6.53 -44.03 54.97
N TYR B 219 -6.91 -43.53 56.14
CA TYR B 219 -6.59 -44.23 57.38
C TYR B 219 -7.48 -45.46 57.53
N PRO B 220 -6.91 -46.66 57.68
CA PRO B 220 -7.74 -47.85 57.83
C PRO B 220 -8.60 -47.78 59.09
N LEU B 221 -9.81 -48.30 58.98
CA LEU B 221 -10.77 -48.28 60.09
C LEU B 221 -11.57 -49.57 60.09
N THR B 222 -11.90 -50.05 61.28
CA THR B 222 -12.80 -51.21 61.40
C THR B 222 -14.19 -50.88 60.88
N MET B 223 -14.67 -49.66 61.17
CA MET B 223 -15.99 -49.20 60.75
C MET B 223 -15.98 -48.48 59.41
N LYS B 224 -14.98 -48.75 58.56
CA LYS B 224 -14.83 -48.02 57.32
C LYS B 224 -16.06 -48.15 56.43
N TYR B 225 -16.58 -49.38 56.29
CA TYR B 225 -17.81 -49.65 55.54
C TYR B 225 -17.79 -48.98 54.17
N ASN B 226 -16.85 -49.44 53.34
CA ASN B 226 -16.62 -48.81 52.04
C ASN B 226 -17.68 -49.04 50.95
N PRO B 227 -18.54 -50.06 50.97
CA PRO B 227 -19.46 -50.22 49.84
C PRO B 227 -20.44 -49.06 49.67
N ASN B 228 -20.76 -48.32 50.74
CA ASN B 228 -21.78 -47.28 50.63
C ASN B 228 -21.42 -45.99 51.36
N VAL B 229 -20.14 -45.74 51.62
CA VAL B 229 -19.70 -44.50 52.26
C VAL B 229 -18.49 -43.96 51.51
N LEU B 230 -18.55 -42.69 51.11
CA LEU B 230 -17.43 -42.04 50.44
C LEU B 230 -16.56 -41.39 51.51
N PRO B 231 -15.36 -41.89 51.77
CA PRO B 231 -14.58 -41.39 52.92
C PRO B 231 -14.14 -39.94 52.72
N VAL B 232 -14.22 -39.18 53.80
CA VAL B 232 -13.71 -37.81 53.87
C VAL B 232 -12.96 -37.64 55.17
N GLN B 233 -11.71 -37.20 55.09
CA GLN B 233 -10.86 -37.03 56.25
C GLN B 233 -10.19 -35.67 56.22
N CYS B 234 -10.19 -35.00 57.37
CA CYS B 234 -9.54 -33.70 57.53
C CYS B 234 -8.27 -33.88 58.35
N THR B 235 -7.14 -33.49 57.79
CA THR B 235 -5.84 -33.57 58.44
C THR B 235 -5.18 -32.20 58.42
N GLY B 236 -4.08 -32.09 59.18
CA GLY B 236 -3.31 -30.86 59.15
C GLY B 236 -2.58 -30.69 57.83
N LYS B 237 -2.45 -29.43 57.42
CA LYS B 237 -1.81 -29.15 56.13
C LYS B 237 -0.33 -29.52 56.16
N ARG B 238 0.38 -29.09 57.20
CA ARG B 238 1.81 -29.40 57.30
C ARG B 238 2.17 -29.92 58.70
N ASP B 239 3.46 -30.08 58.96
CA ASP B 239 3.92 -30.78 60.17
C ASP B 239 3.49 -30.04 61.42
N GLU B 240 3.75 -28.73 61.48
CA GLU B 240 3.39 -27.97 62.68
C GLU B 240 1.88 -27.91 62.88
N ASP B 241 1.14 -27.73 61.79
CA ASP B 241 -0.32 -27.71 61.88
C ASP B 241 -0.85 -29.08 62.28
N LYS B 242 -0.24 -30.15 61.76
CA LYS B 242 -0.61 -31.49 62.20
C LYS B 242 -0.38 -31.66 63.69
N ASP B 243 0.74 -31.14 64.20
CA ASP B 243 1.02 -31.24 65.63
C ASP B 243 0.01 -30.47 66.45
N LYS B 244 -0.39 -29.27 66.00
CA LYS B 244 -1.23 -28.38 66.79
C LYS B 244 -2.67 -28.33 66.32
N VAL B 245 -3.11 -29.28 65.48
CA VAL B 245 -4.50 -29.25 65.01
C VAL B 245 -5.46 -29.61 66.14
N GLY B 246 -5.09 -30.56 66.98
CA GLY B 246 -5.98 -31.03 68.02
C GLY B 246 -6.89 -32.14 67.54
N ASN B 247 -7.84 -32.50 68.41
CA ASN B 247 -8.79 -33.56 68.09
C ASN B 247 -9.79 -33.10 67.05
N ILE B 248 -10.14 -34.01 66.13
CA ILE B 248 -11.12 -33.74 65.09
C ILE B 248 -12.14 -34.86 65.11
N GLU B 249 -13.42 -34.50 65.22
CA GLU B 249 -14.52 -35.44 65.26
C GLU B 249 -15.47 -35.16 64.10
N TYR B 250 -15.99 -36.23 63.50
CA TYR B 250 -16.79 -36.14 62.28
C TYR B 250 -18.21 -36.59 62.57
N PHE B 251 -19.19 -35.86 62.03
CA PHE B 251 -20.60 -36.17 62.21
C PHE B 251 -21.23 -36.43 60.84
N GLY B 252 -21.54 -37.70 60.59
CA GLY B 252 -22.24 -38.09 59.38
C GLY B 252 -23.45 -38.92 59.72
N MET B 253 -24.09 -39.53 58.71
CA MET B 253 -25.25 -40.35 58.96
C MET B 253 -24.84 -41.64 59.68
N GLY B 254 -25.50 -41.93 60.79
CA GLY B 254 -25.22 -43.15 61.52
C GLY B 254 -23.84 -43.23 62.12
N GLY B 255 -23.18 -42.09 62.34
CA GLY B 255 -21.85 -42.08 62.90
C GLY B 255 -20.74 -42.44 61.93
N PHE B 256 -21.03 -42.51 60.64
CA PHE B 256 -20.02 -42.81 59.64
C PHE B 256 -19.38 -41.52 59.14
N TYR B 257 -18.14 -41.63 58.68
CA TYR B 257 -17.34 -40.48 58.27
C TYR B 257 -17.35 -40.41 56.75
N GLY B 258 -18.17 -39.52 56.20
CA GLY B 258 -18.22 -39.30 54.77
C GLY B 258 -19.64 -39.07 54.31
N PHE B 259 -19.87 -39.35 53.03
CA PHE B 259 -21.15 -39.11 52.40
C PHE B 259 -21.83 -40.43 52.05
N PRO B 260 -23.06 -40.67 52.50
CA PRO B 260 -23.77 -41.88 52.09
C PRO B 260 -24.05 -41.88 50.60
N LEU B 261 -24.08 -43.08 50.01
CA LEU B 261 -24.19 -43.21 48.57
C LEU B 261 -25.61 -43.29 48.04
N GLN B 262 -26.63 -43.42 48.91
CA GLN B 262 -27.98 -43.50 48.37
C GLN B 262 -28.52 -42.14 47.96
N TYR B 263 -27.84 -41.05 48.30
CA TYR B 263 -28.21 -39.72 47.87
C TYR B 263 -27.76 -39.42 46.45
N TYR B 264 -27.29 -40.42 45.72
CA TYR B 264 -26.77 -40.29 44.38
C TYR B 264 -27.42 -41.31 43.46
N PRO B 265 -27.51 -41.03 42.16
CA PRO B 265 -27.06 -39.81 41.48
C PRO B 265 -28.03 -38.64 41.59
N TYR B 266 -27.50 -37.43 41.49
CA TYR B 266 -28.33 -36.23 41.38
C TYR B 266 -28.95 -36.18 39.99
N TYR B 267 -30.21 -35.73 39.93
CA TYR B 267 -30.96 -35.76 38.68
C TYR B 267 -31.17 -34.40 38.05
N GLY B 268 -30.85 -33.31 38.74
CA GLY B 268 -30.63 -32.05 38.06
C GLY B 268 -31.69 -30.97 38.12
N LYS B 269 -32.26 -30.72 39.29
CA LYS B 269 -33.03 -29.50 39.55
C LYS B 269 -34.33 -29.45 38.76
N LEU B 270 -34.53 -30.38 37.84
CA LEU B 270 -35.76 -30.46 37.06
C LEU B 270 -36.51 -31.75 37.29
N LEU B 271 -35.79 -32.86 37.41
CA LEU B 271 -36.37 -34.11 37.87
C LEU B 271 -36.33 -34.23 39.39
N GLN B 272 -35.36 -33.58 40.03
CA GLN B 272 -35.21 -33.61 41.48
C GLN B 272 -34.98 -32.20 42.03
N PRO B 273 -36.01 -31.35 42.00
CA PRO B 273 -35.92 -30.08 42.74
C PRO B 273 -36.04 -30.33 44.23
N LYS B 274 -35.61 -29.33 45.01
CA LYS B 274 -35.55 -29.44 46.47
C LYS B 274 -34.65 -30.58 46.92
N TYR B 275 -33.67 -30.93 46.10
CA TYR B 275 -32.72 -31.98 46.44
C TYR B 275 -31.85 -31.56 47.61
N LEU B 276 -31.60 -32.50 48.52
CA LEU B 276 -30.78 -32.26 49.70
C LEU B 276 -29.57 -33.18 49.63
N GLN B 277 -28.40 -32.60 49.40
CA GLN B 277 -27.17 -33.37 49.33
C GLN B 277 -26.69 -33.73 50.73
N PRO B 278 -26.03 -34.88 50.89
CA PRO B 278 -25.53 -35.28 52.21
C PRO B 278 -24.52 -34.29 52.74
N LEU B 279 -24.54 -34.09 54.06
CA LEU B 279 -23.66 -33.15 54.74
C LEU B 279 -22.76 -33.90 55.71
N LEU B 280 -21.57 -33.37 55.91
CA LEU B 280 -20.62 -33.89 56.89
C LEU B 280 -20.16 -32.75 57.76
N ALA B 281 -20.32 -32.90 59.08
CA ALA B 281 -19.94 -31.87 60.04
C ALA B 281 -18.61 -32.23 60.66
N VAL B 282 -17.72 -31.25 60.77
CA VAL B 282 -16.40 -31.43 61.35
C VAL B 282 -16.21 -30.39 62.44
N GLN B 283 -15.96 -30.84 63.66
CA GLN B 283 -15.67 -29.97 64.80
C GLN B 283 -14.23 -30.21 65.24
N PHE B 284 -13.47 -29.13 65.41
CA PHE B 284 -12.06 -29.22 65.70
C PHE B 284 -11.74 -29.20 67.20
N THR B 285 -12.77 -29.15 68.04
CA THR B 285 -12.62 -29.19 69.50
C THR B 285 -11.52 -28.28 70.00
N ASN B 286 -10.51 -28.86 70.65
CA ASN B 286 -9.43 -28.09 71.25
C ASN B 286 -8.32 -27.87 70.23
N LEU B 287 -7.98 -26.61 69.98
CA LEU B 287 -6.88 -26.23 69.12
C LEU B 287 -6.10 -25.10 69.76
N THR B 288 -4.82 -24.99 69.40
CA THR B 288 -3.96 -23.99 70.01
C THR B 288 -4.48 -22.58 69.71
N LEU B 289 -4.57 -21.77 70.76
CA LEU B 289 -5.08 -20.41 70.62
C LEU B 289 -4.03 -19.50 69.99
N ASP B 290 -4.50 -18.46 69.30
CA ASP B 290 -3.65 -17.47 68.66
C ASP B 290 -2.63 -18.12 67.72
N THR B 291 -3.08 -19.13 66.96
CA THR B 291 -2.22 -19.85 66.05
C THR B 291 -2.90 -20.00 64.70
N GLU B 292 -2.16 -19.74 63.63
CA GLU B 292 -2.67 -19.83 62.27
C GLU B 292 -2.59 -21.29 61.83
N ILE B 293 -3.63 -22.04 62.16
CA ILE B 293 -3.69 -23.47 61.88
C ILE B 293 -4.34 -23.69 60.53
N ARG B 294 -3.68 -24.43 59.65
CA ARG B 294 -4.18 -24.74 58.32
C ARG B 294 -4.64 -26.19 58.28
N ILE B 295 -5.87 -26.42 57.84
CA ILE B 295 -6.48 -27.75 57.80
C ILE B 295 -6.85 -28.07 56.36
N GLU B 296 -6.51 -29.28 55.92
CA GLU B 296 -6.86 -29.77 54.59
C GLU B 296 -7.80 -30.96 54.74
N CYS B 297 -8.98 -30.86 54.13
CA CYS B 297 -9.95 -31.93 54.10
C CYS B 297 -9.94 -32.58 52.72
N LYS B 298 -9.91 -33.90 52.68
CA LYS B 298 -9.78 -34.64 51.44
C LYS B 298 -10.83 -35.74 51.37
N ALA B 299 -11.39 -35.92 50.17
CA ALA B 299 -12.35 -36.99 49.90
C ALA B 299 -11.66 -38.06 49.05
N TYR B 300 -11.83 -39.31 49.45
CA TYR B 300 -11.14 -40.43 48.80
C TYR B 300 -12.14 -41.30 48.06
N GLY B 301 -11.79 -41.67 46.84
CA GLY B 301 -12.65 -42.50 46.02
C GLY B 301 -12.05 -42.72 44.66
N GLU B 302 -12.64 -43.70 43.95
CA GLU B 302 -12.16 -44.03 42.61
C GLU B 302 -12.47 -42.92 41.62
N ASN B 303 -13.72 -42.41 41.64
CA ASN B 303 -14.06 -41.29 40.78
C ASN B 303 -13.42 -40.00 41.24
N ILE B 304 -13.23 -39.83 42.55
CA ILE B 304 -12.70 -38.60 43.08
C ILE B 304 -11.27 -38.40 42.60
N GLY B 305 -10.99 -37.19 42.08
CA GLY B 305 -9.68 -36.88 41.57
C GLY B 305 -9.21 -35.54 42.07
N TYR B 306 -7.91 -35.30 41.95
CA TYR B 306 -7.27 -34.10 42.45
C TYR B 306 -6.42 -33.47 41.36
N SER B 307 -6.27 -32.16 41.42
CA SER B 307 -5.43 -31.43 40.49
C SER B 307 -4.70 -30.33 41.24
N GLU B 308 -3.48 -30.02 40.78
CA GLU B 308 -2.70 -28.96 41.41
C GLU B 308 -3.22 -27.58 41.04
N LYS B 309 -3.80 -27.44 39.86
CA LYS B 309 -4.32 -26.14 39.44
C LYS B 309 -5.59 -25.77 40.20
N ASP B 310 -6.51 -26.72 40.35
CA ASP B 310 -7.76 -26.49 41.08
C ASP B 310 -7.58 -26.97 42.52
N ARG B 311 -7.50 -26.02 43.45
CA ARG B 311 -7.30 -26.35 44.85
C ARG B 311 -8.58 -26.77 45.56
N PHE B 312 -9.73 -26.67 44.89
CA PHE B 312 -11.02 -27.05 45.47
C PHE B 312 -11.61 -28.28 44.82
N GLN B 313 -10.79 -29.06 44.10
CA GLN B 313 -11.26 -30.24 43.37
C GLN B 313 -10.98 -31.48 44.21
N GLY B 314 -12.05 -32.08 44.74
CA GLY B 314 -11.90 -33.27 45.55
C GLY B 314 -11.32 -33.04 46.93
N ARG B 315 -11.09 -31.78 47.31
CA ARG B 315 -10.47 -31.42 48.57
C ARG B 315 -10.54 -29.90 48.69
N PHE B 316 -10.20 -29.40 49.88
CA PHE B 316 -10.19 -27.96 50.10
C PHE B 316 -9.33 -27.65 51.32
N ASP B 317 -8.94 -26.37 51.43
CA ASP B 317 -8.06 -25.90 52.47
C ASP B 317 -8.77 -24.85 53.32
N VAL B 318 -8.60 -24.94 54.63
CA VAL B 318 -9.16 -23.98 55.58
C VAL B 318 -8.06 -23.53 56.53
N LYS B 319 -8.01 -22.23 56.80
CA LYS B 319 -7.10 -21.65 57.77
C LYS B 319 -7.90 -21.12 58.94
N ILE B 320 -7.60 -21.60 60.15
CA ILE B 320 -8.36 -21.26 61.34
C ILE B 320 -7.40 -20.70 62.39
N GLU B 321 -7.77 -19.56 62.99
CA GLU B 321 -7.05 -19.02 64.13
C GLU B 321 -8.06 -18.39 65.07
N VAL B 322 -8.20 -18.96 66.27
CA VAL B 322 -9.17 -18.51 67.24
C VAL B 322 -8.48 -17.47 68.11
N LYS B 323 -8.87 -16.20 67.94
CA LYS B 323 -8.27 -15.12 68.72
C LYS B 323 -8.67 -15.23 70.19
N SER B 324 -7.78 -14.76 71.05
CA SER B 324 -8.02 -14.82 72.49
C SER B 324 -8.48 -13.47 73.04
#